data_6RQA
#
_entry.id   6RQA
#
_cell.length_a   50.386
_cell.length_b   72.407
_cell.length_c   164.266
_cell.angle_alpha   90.000
_cell.angle_beta   90.000
_cell.angle_gamma   90.000
#
_symmetry.space_group_name_H-M   'P 21 21 21'
#
loop_
_entity.id
_entity.type
_entity.pdbx_description
1 polymer 'iminosuccinate reductase'
2 non-polymer NICOTINAMIDE-ADENINE-DINUCLEOTIDE
3 non-polymer 'TERBIUM(III) ION'
4 non-polymer Tb-Xo4
5 water water
#
_entity_poly.entity_id   1
_entity_poly.type   'polypeptide(L)'
_entity_poly.pdbx_seq_one_letter_code
;MGHHHHHHHHHHSSGHIEGRHMLVVAEKEIAGLMTPEAAFEAIEAVFASMARRKAYNFPVVREAIGHEDALYGFKGGFDA
SALVLGLKAGGYWPNNQKHNLINHQSTVFLFDPDTGRVSAAVGGNLLTALRTAAASAVSIKYLAPKGAKVLGMIGAGHQS
AFQMRAAANVHRFEKVIGWNPHPEMLSRLADTAAELGLPFEAVELDRLGAEADVIVSITSSFSPLLMNEHVKGPTHIAAM
GTDTKGKQELDPALVARARIFTDEVAQSVSIGECQHAIAAGLIREDQVGELGAVVAGDDPGRGDAEVTIFDGTGVGLQDL
AVAQAVVELAKHKGVAQEVEI
;
_entity_poly.pdbx_strand_id   A,B
#
loop_
_chem_comp.id
_chem_comp.type
_chem_comp.name
_chem_comp.formula
7MT non-polymer Tb-Xo4 'C20 H23 N5 O4 Tb 5'
NAD non-polymer NICOTINAMIDE-ADENINE-DINUCLEOTIDE 'C21 H27 N7 O14 P2'
TB non-polymer 'TERBIUM(III) ION' 'Tb 3'
#
# COMPACT_ATOMS: atom_id res chain seq x y z
N ARG A 20 -6.14 -17.72 -16.75
CA ARG A 20 -5.76 -16.61 -15.89
C ARG A 20 -4.28 -16.67 -15.52
N HIS A 21 -3.60 -15.54 -15.65
CA HIS A 21 -2.18 -15.45 -15.35
C HIS A 21 -1.84 -13.99 -15.05
N MET A 22 -0.57 -13.74 -14.80
CA MET A 22 -0.07 -12.42 -14.44
C MET A 22 1.12 -12.10 -15.32
N LEU A 23 1.20 -10.85 -15.78
CA LEU A 23 2.30 -10.41 -16.62
C LEU A 23 3.39 -9.77 -15.77
N VAL A 24 4.64 -9.88 -16.25
CA VAL A 24 5.79 -9.27 -15.58
C VAL A 24 6.66 -8.63 -16.65
N VAL A 25 7.00 -7.35 -16.45
CA VAL A 25 7.88 -6.62 -17.34
C VAL A 25 9.14 -6.26 -16.56
N ALA A 26 10.26 -6.89 -16.93
CA ALA A 26 11.52 -6.66 -16.23
C ALA A 26 12.00 -5.22 -16.43
N GLU A 27 12.82 -4.76 -15.48
CA GLU A 27 13.34 -3.40 -15.54
C GLU A 27 14.18 -3.18 -16.79
N LYS A 28 14.93 -4.20 -17.22
CA LYS A 28 15.83 -4.03 -18.34
C LYS A 28 15.12 -3.81 -19.66
N GLU A 29 13.82 -4.12 -19.73
CA GLU A 29 13.05 -3.95 -20.95
C GLU A 29 12.42 -2.56 -21.08
N ILE A 30 12.43 -1.76 -20.01
CA ILE A 30 11.72 -0.49 -20.02
C ILE A 30 12.31 0.46 -21.05
N ALA A 31 13.64 0.52 -21.13
CA ALA A 31 14.29 1.47 -22.03
C ALA A 31 13.93 1.21 -23.48
N GLY A 32 13.87 -0.05 -23.89
CA GLY A 32 13.52 -0.39 -25.25
C GLY A 32 12.05 -0.27 -25.59
N LEU A 33 11.21 0.02 -24.60
CA LEU A 33 9.78 0.16 -24.79
C LEU A 33 9.28 1.59 -24.67
N MET A 34 9.76 2.34 -23.68
CA MET A 34 9.28 3.69 -23.44
C MET A 34 10.10 4.71 -24.22
N THR A 35 9.42 5.77 -24.65
CA THR A 35 10.01 6.93 -25.29
C THR A 35 9.51 8.16 -24.55
N PRO A 36 10.26 9.27 -24.61
CA PRO A 36 9.76 10.51 -23.99
C PRO A 36 8.42 10.97 -24.54
N GLU A 37 8.11 10.65 -25.81
CA GLU A 37 6.81 11.01 -26.36
C GLU A 37 5.71 10.13 -25.80
N ALA A 38 5.98 8.83 -25.66
CA ALA A 38 4.97 7.91 -25.12
C ALA A 38 4.68 8.22 -23.66
N ALA A 39 5.72 8.53 -22.88
CA ALA A 39 5.50 8.94 -21.50
C ALA A 39 4.76 10.27 -21.42
N PHE A 40 5.00 11.16 -22.38
CA PHE A 40 4.33 12.45 -22.38
C PHE A 40 2.83 12.29 -22.62
N GLU A 41 2.46 11.45 -23.59
CA GLU A 41 1.04 11.26 -23.92
C GLU A 41 0.30 10.62 -22.76
N ALA A 42 0.95 9.72 -22.04
CA ALA A 42 0.29 9.06 -20.91
C ALA A 42 0.06 10.03 -19.77
N ILE A 43 1.08 10.82 -19.43
CA ILE A 43 0.98 11.72 -18.28
C ILE A 43 0.07 12.90 -18.60
N GLU A 44 0.11 13.39 -19.83
CA GLU A 44 -0.79 14.47 -20.23
C GLU A 44 -2.25 14.05 -20.08
N ALA A 45 -2.57 12.83 -20.53
CA ALA A 45 -3.94 12.34 -20.40
C ALA A 45 -4.33 12.15 -18.94
N VAL A 46 -3.38 11.77 -18.08
CA VAL A 46 -3.70 11.53 -16.68
C VAL A 46 -3.98 12.83 -15.95
N PHE A 47 -3.29 13.91 -16.32
CA PHE A 47 -3.59 15.21 -15.75
C PHE A 47 -5.00 15.66 -16.11
N ALA A 48 -5.43 15.39 -17.34
CA ALA A 48 -6.78 15.75 -17.76
C ALA A 48 -7.83 14.91 -17.03
N SER A 49 -7.55 13.62 -16.84
CA SER A 49 -8.50 12.76 -16.14
C SER A 49 -8.67 13.17 -14.70
N MET A 50 -7.59 13.62 -14.05
CA MET A 50 -7.69 14.09 -12.68
C MET A 50 -8.49 15.38 -12.59
N ALA A 51 -8.32 16.27 -13.57
CA ALA A 51 -9.08 17.51 -13.58
C ALA A 51 -10.57 17.25 -13.83
N ARG A 52 -10.88 16.31 -14.72
CA ARG A 52 -12.25 15.94 -15.00
C ARG A 52 -12.83 14.98 -13.96
N ARG A 53 -12.07 14.67 -12.91
CA ARG A 53 -12.53 13.79 -11.82
C ARG A 53 -12.87 12.39 -12.32
N LYS A 54 -12.21 11.94 -13.39
CA LYS A 54 -12.31 10.57 -13.85
C LYS A 54 -11.22 9.67 -13.29
N ALA A 55 -10.37 10.21 -12.41
CA ALA A 55 -9.27 9.46 -11.82
C ALA A 55 -8.84 10.18 -10.56
N TYR A 56 -8.28 9.42 -9.62
CA TYR A 56 -7.84 10.00 -8.36
C TYR A 56 -6.77 9.11 -7.74
N ASN A 57 -5.98 9.70 -6.85
CA ASN A 57 -4.92 9.01 -6.15
C ASN A 57 -5.39 8.62 -4.75
N PHE A 58 -5.01 7.42 -4.33
CA PHE A 58 -5.31 6.96 -2.99
C PHE A 58 -4.49 7.74 -1.97
N PRO A 59 -4.90 7.73 -0.70
CA PRO A 59 -4.05 8.32 0.35
C PRO A 59 -2.70 7.64 0.40
N VAL A 60 -1.64 8.44 0.40
CA VAL A 60 -0.28 7.93 0.29
C VAL A 60 0.16 7.36 1.63
N VAL A 61 0.68 6.15 1.62
CA VAL A 61 1.39 5.58 2.76
C VAL A 61 2.87 5.85 2.57
N ARG A 62 3.52 6.33 3.62
CA ARG A 62 4.96 6.63 3.57
C ARG A 62 5.52 6.45 4.97
N GLU A 63 6.30 5.38 5.16
CA GLU A 63 6.76 4.98 6.48
C GLU A 63 8.28 4.91 6.53
N ALA A 64 8.85 5.45 7.60
CA ALA A 64 10.27 5.24 7.91
C ALA A 64 10.34 4.00 8.78
N ILE A 65 10.57 2.85 8.14
CA ILE A 65 10.50 1.55 8.82
C ILE A 65 11.59 1.37 9.87
N GLY A 66 12.61 2.23 9.88
CA GLY A 66 13.68 2.13 10.85
C GLY A 66 14.81 1.21 10.48
N HIS A 67 14.69 0.49 9.36
CA HIS A 67 15.72 -0.45 8.91
C HIS A 67 16.46 0.17 7.73
N GLU A 68 17.78 0.28 7.84
CA GLU A 68 18.63 0.85 6.80
C GLU A 68 18.23 2.28 6.45
N ASP A 69 17.63 2.99 7.41
CA ASP A 69 17.17 4.37 7.23
C ASP A 69 16.22 4.50 6.04
N ALA A 70 15.48 3.43 5.73
CA ALA A 70 14.70 3.38 4.51
C ALA A 70 13.37 4.09 4.67
N LEU A 71 12.90 4.64 3.55
CA LEU A 71 11.56 5.21 3.43
C LEU A 71 10.76 4.32 2.49
N TYR A 72 9.67 3.73 2.99
CA TYR A 72 8.90 2.76 2.23
C TYR A 72 7.42 3.09 2.34
N GLY A 73 6.69 2.87 1.25
CA GLY A 73 5.27 3.16 1.23
C GLY A 73 4.65 2.82 -0.09
N PHE A 74 3.38 3.23 -0.25
CA PHE A 74 2.60 2.92 -1.44
C PHE A 74 1.93 4.18 -1.96
N LYS A 75 1.77 4.23 -3.29
CA LYS A 75 1.03 5.30 -3.97
C LYS A 75 0.02 4.63 -4.89
N GLY A 76 -1.20 4.42 -4.39
CA GLY A 76 -2.24 3.80 -5.19
C GLY A 76 -3.11 4.82 -5.89
N GLY A 77 -3.93 4.32 -6.81
CA GLY A 77 -4.82 5.19 -7.57
C GLY A 77 -5.69 4.36 -8.48
N PHE A 78 -6.69 5.04 -9.06
CA PHE A 78 -7.63 4.41 -9.97
C PHE A 78 -8.01 5.38 -11.06
N ASP A 79 -7.95 4.91 -12.31
CA ASP A 79 -8.33 5.70 -13.49
C ASP A 79 -9.56 5.05 -14.09
N ALA A 80 -10.75 5.58 -13.74
CA ALA A 80 -11.98 5.02 -14.26
C ALA A 80 -12.12 5.23 -15.77
N SER A 81 -11.45 6.23 -16.33
CA SER A 81 -11.54 6.47 -17.76
C SER A 81 -10.79 5.42 -18.56
N ALA A 82 -9.56 5.09 -18.12
CA ALA A 82 -8.73 4.11 -18.79
C ALA A 82 -8.83 2.71 -18.17
N LEU A 83 -9.56 2.56 -17.08
CA LEU A 83 -9.69 1.30 -16.36
C LEU A 83 -8.32 0.74 -15.99
N VAL A 84 -7.56 1.54 -15.24
CA VAL A 84 -6.25 1.17 -14.74
C VAL A 84 -6.28 1.31 -13.22
N LEU A 85 -5.82 0.26 -12.54
CA LEU A 85 -5.88 0.20 -11.08
C LEU A 85 -4.62 -0.45 -10.55
N GLY A 86 -4.10 0.09 -9.46
CA GLY A 86 -2.92 -0.52 -8.85
C GLY A 86 -2.21 0.48 -7.96
N LEU A 87 -0.90 0.27 -7.84
CA LEU A 87 -0.07 1.09 -6.96
C LEU A 87 1.39 0.91 -7.35
N LYS A 88 2.21 1.85 -6.89
CA LYS A 88 3.66 1.69 -6.91
C LYS A 88 4.15 1.54 -5.48
N ALA A 89 4.93 0.50 -5.22
CA ALA A 89 5.46 0.23 -3.90
C ALA A 89 6.98 0.34 -3.92
N GLY A 90 7.55 0.76 -2.80
CA GLY A 90 8.98 0.94 -2.70
C GLY A 90 9.34 2.25 -2.03
N GLY A 91 10.52 2.78 -2.35
CA GLY A 91 10.93 4.04 -1.77
C GLY A 91 12.42 4.34 -1.88
N TYR A 92 13.02 4.77 -0.77
CA TYR A 92 14.38 5.31 -0.77
C TYR A 92 15.21 4.58 0.27
N TRP A 93 16.28 3.91 -0.19
CA TRP A 93 17.26 3.29 0.69
C TRP A 93 18.54 4.11 0.65
N PRO A 94 18.85 4.90 1.68
CA PRO A 94 20.00 5.82 1.60
C PRO A 94 21.35 5.13 1.52
N ASN A 95 21.46 3.87 1.94
CA ASN A 95 22.75 3.19 1.99
C ASN A 95 22.86 2.09 0.93
N ASN A 96 22.04 2.16 -0.12
CA ASN A 96 22.02 1.11 -1.14
C ASN A 96 23.31 1.04 -1.94
N GLN A 97 24.20 2.03 -1.82
CA GLN A 97 25.46 1.97 -2.55
C GLN A 97 26.31 0.78 -2.12
N LYS A 98 26.18 0.36 -0.86
CA LYS A 98 26.95 -0.79 -0.37
C LYS A 98 26.44 -2.09 -0.98
N HIS A 99 25.21 -2.11 -1.49
CA HIS A 99 24.68 -3.26 -2.22
C HIS A 99 24.85 -3.11 -3.72
N ASN A 100 25.57 -2.07 -4.17
CA ASN A 100 25.74 -1.77 -5.60
C ASN A 100 24.39 -1.56 -6.28
N LEU A 101 23.53 -0.79 -5.61
CA LEU A 101 22.20 -0.50 -6.11
C LEU A 101 21.91 0.99 -5.96
N ILE A 102 21.05 1.51 -6.83
CA ILE A 102 20.62 2.89 -6.68
C ILE A 102 19.71 3.01 -5.47
N ASN A 103 19.65 4.23 -4.92
CA ASN A 103 18.92 4.43 -3.67
C ASN A 103 17.41 4.33 -3.87
N HIS A 104 16.91 4.75 -5.03
CA HIS A 104 15.49 4.71 -5.31
C HIS A 104 15.11 3.33 -5.85
N GLN A 105 14.19 2.66 -5.18
CA GLN A 105 13.68 1.36 -5.60
C GLN A 105 12.17 1.40 -5.55
N SER A 106 11.53 0.99 -6.65
CA SER A 106 10.07 1.02 -6.72
C SER A 106 9.60 -0.03 -7.73
N THR A 107 8.33 -0.41 -7.60
CA THR A 107 7.73 -1.42 -8.45
C THR A 107 6.23 -1.12 -8.57
N VAL A 108 5.72 -1.15 -9.80
CA VAL A 108 4.31 -0.90 -10.06
C VAL A 108 3.59 -2.22 -10.18
N PHE A 109 2.48 -2.35 -9.45
CA PHE A 109 1.62 -3.53 -9.53
C PHE A 109 0.26 -3.10 -10.06
N LEU A 110 -0.13 -3.63 -11.21
CA LEU A 110 -1.41 -3.33 -11.82
C LEU A 110 -2.41 -4.44 -11.49
N PHE A 111 -3.66 -4.05 -11.28
CA PHE A 111 -4.73 -4.97 -10.94
C PHE A 111 -5.89 -4.80 -11.92
N ASP A 112 -6.60 -5.89 -12.16
CA ASP A 112 -7.76 -5.85 -13.03
C ASP A 112 -8.91 -5.14 -12.33
N PRO A 113 -9.40 -4.01 -12.83
CA PRO A 113 -10.49 -3.31 -12.13
C PRO A 113 -11.82 -4.03 -12.19
N ASP A 114 -11.99 -5.01 -13.07
CA ASP A 114 -13.25 -5.72 -13.21
C ASP A 114 -13.32 -6.98 -12.35
N THR A 115 -12.17 -7.52 -11.92
CA THR A 115 -12.13 -8.73 -11.12
C THR A 115 -11.41 -8.58 -9.80
N GLY A 116 -10.43 -7.67 -9.72
CA GLY A 116 -9.61 -7.55 -8.54
C GLY A 116 -8.34 -8.37 -8.57
N ARG A 117 -8.18 -9.26 -9.54
CA ARG A 117 -6.96 -10.05 -9.66
C ARG A 117 -5.80 -9.16 -10.10
N VAL A 118 -4.60 -9.55 -9.68
CA VAL A 118 -3.40 -8.87 -10.15
C VAL A 118 -3.19 -9.17 -11.62
N SER A 119 -2.79 -8.16 -12.39
CA SER A 119 -2.59 -8.32 -13.82
C SER A 119 -1.15 -8.15 -14.27
N ALA A 120 -0.39 -7.27 -13.64
CA ALA A 120 0.97 -6.99 -14.11
C ALA A 120 1.85 -6.51 -12.96
N ALA A 121 3.15 -6.77 -13.10
CA ALA A 121 4.18 -6.22 -12.22
C ALA A 121 5.29 -5.68 -13.11
N VAL A 122 5.61 -4.39 -12.94
CA VAL A 122 6.56 -3.70 -13.81
C VAL A 122 7.63 -3.04 -12.96
N GLY A 123 8.87 -3.11 -13.42
CA GLY A 123 9.93 -2.37 -12.77
C GLY A 123 9.66 -0.87 -12.82
N GLY A 124 9.89 -0.20 -11.70
CA GLY A 124 9.47 1.18 -11.57
C GLY A 124 10.56 2.22 -11.48
N ASN A 125 11.83 1.78 -11.49
CA ASN A 125 12.93 2.74 -11.38
C ASN A 125 12.96 3.69 -12.56
N LEU A 126 13.17 3.15 -13.77
CA LEU A 126 13.21 4.00 -14.95
C LEU A 126 11.86 4.66 -15.21
N LEU A 127 10.77 3.99 -14.87
CA LEU A 127 9.44 4.57 -15.08
C LEU A 127 9.26 5.85 -14.25
N THR A 128 9.76 5.86 -13.02
CA THR A 128 9.60 7.02 -12.16
C THR A 128 10.27 8.25 -12.77
N ALA A 129 11.52 8.10 -13.22
CA ALA A 129 12.21 9.23 -13.83
C ALA A 129 11.52 9.69 -15.10
N LEU A 130 10.98 8.75 -15.88
CA LEU A 130 10.32 9.12 -17.13
C LEU A 130 9.04 9.91 -16.88
N ARG A 131 8.16 9.41 -16.00
CA ARG A 131 6.91 10.12 -15.76
C ARG A 131 7.15 11.44 -15.03
N THR A 132 8.20 11.52 -14.21
CA THR A 132 8.55 12.78 -13.58
C THR A 132 8.99 13.81 -14.62
N ALA A 133 9.81 13.38 -15.57
CA ALA A 133 10.19 14.27 -16.66
C ALA A 133 9.00 14.60 -17.56
N ALA A 134 8.09 13.63 -17.74
CA ALA A 134 6.90 13.89 -18.54
C ALA A 134 6.00 14.91 -17.86
N ALA A 135 5.86 14.82 -16.54
CA ALA A 135 5.03 15.78 -15.81
C ALA A 135 5.55 17.20 -15.98
N SER A 136 6.87 17.37 -15.86
CA SER A 136 7.46 18.69 -16.06
C SER A 136 7.27 19.18 -17.50
N ALA A 137 7.34 18.27 -18.47
CA ALA A 137 7.17 18.64 -19.86
C ALA A 137 5.72 19.07 -20.16
N VAL A 138 4.75 18.46 -19.48
CA VAL A 138 3.36 18.86 -19.66
C VAL A 138 3.15 20.29 -19.18
N SER A 139 3.71 20.63 -18.02
CA SER A 139 3.61 22.00 -17.53
C SER A 139 4.29 22.98 -18.46
N ILE A 140 5.37 22.56 -19.12
CA ILE A 140 6.04 23.43 -20.09
C ILE A 140 5.12 23.69 -21.28
N LYS A 141 4.53 22.63 -21.82
CA LYS A 141 3.67 22.79 -23.00
C LYS A 141 2.51 23.73 -22.75
N TYR A 142 1.99 23.76 -21.51
CA TYR A 142 0.78 24.52 -21.21
C TYR A 142 1.03 25.80 -20.43
N LEU A 143 2.25 26.03 -19.92
CA LEU A 143 2.51 27.20 -19.10
C LEU A 143 3.75 28.00 -19.47
N ALA A 144 4.61 27.49 -20.35
CA ALA A 144 5.84 28.20 -20.69
C ALA A 144 5.53 29.51 -21.42
N PRO A 145 6.36 30.53 -21.24
CA PRO A 145 6.15 31.78 -21.97
C PRO A 145 6.25 31.56 -23.47
N LYS A 146 5.53 32.40 -24.21
CA LYS A 146 5.49 32.29 -25.67
C LYS A 146 6.88 32.51 -26.26
N GLY A 147 7.37 31.52 -27.00
CA GLY A 147 8.69 31.61 -27.61
C GLY A 147 9.83 31.49 -26.62
N ALA A 148 9.75 30.52 -25.72
CA ALA A 148 10.82 30.30 -24.75
C ALA A 148 12.06 29.81 -25.47
N LYS A 149 13.17 30.53 -25.31
CA LYS A 149 14.40 30.25 -26.03
C LYS A 149 15.49 29.63 -25.17
N VAL A 150 15.49 29.88 -23.87
CA VAL A 150 16.56 29.44 -22.97
C VAL A 150 15.95 28.60 -21.87
N LEU A 151 16.48 27.39 -21.69
CA LEU A 151 16.05 26.47 -20.64
C LEU A 151 17.05 26.52 -19.49
N GLY A 152 16.55 26.71 -18.28
CA GLY A 152 17.41 26.75 -17.11
C GLY A 152 17.28 25.52 -16.23
N MET A 153 18.39 24.82 -16.01
CA MET A 153 18.41 23.60 -15.21
C MET A 153 19.04 23.89 -13.87
N ILE A 154 18.26 23.72 -12.81
CA ILE A 154 18.75 23.83 -11.43
C ILE A 154 18.88 22.41 -10.90
N GLY A 155 20.09 21.86 -10.98
CA GLY A 155 20.31 20.50 -10.50
C GLY A 155 20.85 19.65 -11.63
N ALA A 156 21.87 18.85 -11.29
CA ALA A 156 22.54 17.99 -12.26
C ALA A 156 22.58 16.54 -11.76
N GLY A 157 21.55 16.13 -11.02
CA GLY A 157 21.48 14.78 -10.50
C GLY A 157 21.15 13.74 -11.54
N HIS A 158 20.74 12.56 -11.09
CA HIS A 158 20.42 11.47 -12.00
C HIS A 158 19.25 11.83 -12.92
N GLN A 159 18.17 12.36 -12.34
CA GLN A 159 16.97 12.64 -13.10
C GLN A 159 17.05 13.91 -13.94
N SER A 160 18.08 14.74 -13.73
CA SER A 160 18.19 15.98 -14.50
C SER A 160 18.35 15.70 -15.99
N ALA A 161 18.99 14.60 -16.35
CA ALA A 161 19.11 14.24 -17.77
C ALA A 161 17.75 13.95 -18.37
N PHE A 162 16.91 13.19 -17.67
CA PHE A 162 15.57 12.89 -18.16
C PHE A 162 14.73 14.16 -18.28
N GLN A 163 14.90 15.09 -17.34
CA GLN A 163 14.14 16.34 -17.40
C GLN A 163 14.52 17.15 -18.64
N MET A 164 15.82 17.18 -18.98
CA MET A 164 16.27 17.96 -20.12
C MET A 164 15.79 17.33 -21.43
N ARG A 165 15.84 16.00 -21.54
CA ARG A 165 15.39 15.35 -22.76
C ARG A 165 13.90 15.54 -22.98
N ALA A 166 13.10 15.42 -21.92
CA ALA A 166 11.65 15.58 -22.06
C ALA A 166 11.28 17.03 -22.37
N ALA A 167 12.04 17.99 -21.84
CA ALA A 167 11.75 19.39 -22.11
C ALA A 167 12.11 19.77 -23.54
N ALA A 168 13.23 19.27 -24.04
CA ALA A 168 13.62 19.55 -25.42
C ALA A 168 12.74 18.83 -26.42
N ASN A 169 12.02 17.79 -26.00
CA ASN A 169 11.15 17.06 -26.92
C ASN A 169 9.81 17.76 -27.11
N VAL A 170 9.34 18.49 -26.10
CA VAL A 170 8.03 19.12 -26.16
C VAL A 170 8.16 20.56 -26.63
N HIS A 171 9.31 21.17 -26.39
CA HIS A 171 9.55 22.56 -26.75
C HIS A 171 10.93 22.70 -27.38
N ARG A 172 11.03 23.54 -28.40
CA ARG A 172 12.27 23.75 -29.13
C ARG A 172 13.03 24.91 -28.48
N PHE A 173 14.12 24.59 -27.81
CA PHE A 173 14.97 25.58 -27.15
C PHE A 173 16.18 25.90 -28.02
N GLU A 174 16.83 27.02 -27.71
CA GLU A 174 18.05 27.43 -28.39
C GLU A 174 19.29 27.28 -27.54
N LYS A 175 19.16 27.29 -26.21
CA LYS A 175 20.31 27.24 -25.32
C LYS A 175 19.87 26.65 -23.99
N VAL A 176 20.81 25.99 -23.31
CA VAL A 176 20.56 25.43 -21.99
C VAL A 176 21.63 25.98 -21.05
N ILE A 177 21.19 26.65 -19.98
CA ILE A 177 22.07 27.11 -18.91
C ILE A 177 21.76 26.31 -17.66
N GLY A 178 22.79 25.98 -16.89
CA GLY A 178 22.63 25.10 -15.76
C GLY A 178 23.38 25.61 -14.54
N TRP A 179 22.90 25.18 -13.38
CA TRP A 179 23.54 25.47 -12.11
C TRP A 179 23.32 24.29 -11.18
N ASN A 180 24.32 23.98 -10.36
CA ASN A 180 24.27 22.85 -9.45
C ASN A 180 24.95 23.23 -8.14
N PRO A 181 24.39 22.82 -7.01
CA PRO A 181 25.08 23.06 -5.73
C PRO A 181 26.48 22.47 -5.68
N HIS A 182 26.67 21.31 -6.32
CA HIS A 182 28.00 20.73 -6.48
C HIS A 182 28.40 20.88 -7.94
N PRO A 183 29.31 21.80 -8.26
CA PRO A 183 29.53 22.17 -9.68
C PRO A 183 30.16 21.09 -10.53
N GLU A 184 30.69 20.01 -9.94
CA GLU A 184 31.33 19.00 -10.77
C GLU A 184 30.31 18.15 -11.54
N MET A 185 29.10 18.02 -11.01
CA MET A 185 28.07 17.24 -11.69
C MET A 185 27.53 17.91 -12.94
N LEU A 186 27.94 19.16 -13.21
CA LEU A 186 27.43 19.88 -14.38
C LEU A 186 27.79 19.19 -15.70
N SER A 187 28.75 18.26 -15.68
CA SER A 187 29.09 17.53 -16.90
C SER A 187 27.91 16.69 -17.39
N ARG A 188 27.03 16.27 -16.47
CA ARG A 188 25.85 15.49 -16.88
C ARG A 188 24.88 16.35 -17.69
N LEU A 189 24.76 17.64 -17.35
CA LEU A 189 23.91 18.53 -18.12
C LEU A 189 24.52 18.83 -19.48
N ALA A 190 25.84 19.06 -19.53
CA ALA A 190 26.48 19.36 -20.81
C ALA A 190 26.44 18.17 -21.75
N ASP A 191 26.65 16.96 -21.23
CA ASP A 191 26.64 15.78 -22.08
C ASP A 191 25.28 15.58 -22.73
N THR A 192 24.21 15.65 -21.95
CA THR A 192 22.87 15.49 -22.51
C THR A 192 22.48 16.66 -23.41
N ALA A 193 22.96 17.86 -23.10
CA ALA A 193 22.76 18.98 -24.01
C ALA A 193 23.44 18.74 -25.35
N ALA A 194 24.55 18.00 -25.36
CA ALA A 194 25.18 17.64 -26.61
C ALA A 194 24.36 16.60 -27.38
N GLU A 195 23.72 15.68 -26.66
CA GLU A 195 22.86 14.70 -27.32
C GLU A 195 21.66 15.38 -27.98
N LEU A 196 21.19 16.48 -27.42
CA LEU A 196 20.05 17.21 -27.97
C LEU A 196 20.46 18.28 -28.96
N GLY A 197 21.74 18.40 -29.28
CA GLY A 197 22.20 19.41 -30.22
C GLY A 197 22.03 20.82 -29.71
N LEU A 198 22.11 21.02 -28.40
CA LEU A 198 21.88 22.31 -27.78
C LEU A 198 23.15 22.76 -27.06
N PRO A 199 23.58 24.01 -27.23
CA PRO A 199 24.74 24.50 -26.49
C PRO A 199 24.43 24.68 -25.02
N PHE A 200 25.44 24.43 -24.18
CA PHE A 200 25.29 24.51 -22.74
C PHE A 200 26.31 25.49 -22.17
N GLU A 201 25.90 26.21 -21.13
CA GLU A 201 26.78 27.13 -20.40
C GLU A 201 26.47 27.04 -18.92
N ALA A 202 27.45 26.72 -18.09
CA ALA A 202 27.23 26.71 -16.64
C ALA A 202 27.13 28.15 -16.16
N VAL A 203 26.20 28.46 -15.26
CA VAL A 203 26.03 29.85 -14.78
C VAL A 203 25.72 29.85 -13.30
N GLU A 204 25.69 31.03 -12.71
CA GLU A 204 25.25 31.18 -11.31
C GLU A 204 23.77 31.54 -11.34
N LEU A 205 23.10 31.40 -10.22
CA LEU A 205 21.65 31.55 -10.12
C LEU A 205 21.16 32.94 -10.45
N ASP A 206 22.03 33.96 -10.35
CA ASP A 206 21.60 35.31 -10.69
C ASP A 206 21.34 35.45 -12.18
N ARG A 207 22.20 34.88 -13.02
CA ARG A 207 21.99 34.91 -14.46
C ARG A 207 20.91 33.93 -14.90
N LEU A 208 20.79 32.78 -14.22
CA LEU A 208 19.80 31.79 -14.61
C LEU A 208 18.38 32.33 -14.45
N GLY A 209 18.10 32.96 -13.32
CA GLY A 209 16.78 33.52 -13.10
C GLY A 209 16.42 34.65 -14.05
N ALA A 210 17.41 35.33 -14.61
CA ALA A 210 17.17 36.47 -15.49
C ALA A 210 17.24 36.12 -16.97
N GLU A 211 17.79 34.95 -17.32
CA GLU A 211 17.96 34.57 -18.71
C GLU A 211 17.21 33.32 -19.12
N ALA A 212 16.79 32.48 -18.17
CA ALA A 212 16.08 31.26 -18.49
C ALA A 212 14.58 31.52 -18.56
N ASP A 213 13.99 31.26 -19.73
CA ASP A 213 12.55 31.41 -19.89
C ASP A 213 11.79 30.26 -19.24
N VAL A 214 12.35 29.07 -19.24
CA VAL A 214 11.80 27.91 -18.55
C VAL A 214 12.86 27.39 -17.58
N ILE A 215 12.48 27.21 -16.32
CA ILE A 215 13.39 26.75 -15.28
C ILE A 215 12.85 25.45 -14.73
N VAL A 216 13.73 24.45 -14.63
CA VAL A 216 13.39 23.13 -14.07
C VAL A 216 14.37 22.83 -12.96
N SER A 217 13.87 22.72 -11.73
CA SER A 217 14.69 22.40 -10.57
C SER A 217 14.38 20.97 -10.14
N ILE A 218 15.44 20.19 -9.87
CA ILE A 218 15.29 18.78 -9.56
C ILE A 218 16.35 18.40 -8.52
N THR A 219 16.46 19.20 -7.47
CA THR A 219 17.45 19.00 -6.42
C THR A 219 16.79 18.47 -5.15
N SER A 220 17.61 17.81 -4.33
CA SER A 220 17.20 17.37 -3.00
C SER A 220 17.80 18.36 -1.99
N SER A 221 17.17 19.51 -1.87
CA SER A 221 17.68 20.62 -1.08
C SER A 221 16.72 20.93 0.07
N PHE A 222 17.29 21.53 1.13
CA PHE A 222 16.54 21.94 2.31
C PHE A 222 16.67 23.43 2.58
N SER A 223 17.14 24.19 1.59
CA SER A 223 17.36 25.62 1.69
C SER A 223 16.91 26.27 0.40
N PRO A 224 16.38 27.49 0.45
CA PRO A 224 15.98 28.18 -0.77
C PRO A 224 17.18 28.48 -1.66
N LEU A 225 17.07 28.08 -2.93
CA LEU A 225 18.15 28.28 -3.88
C LEU A 225 17.84 29.44 -4.82
N LEU A 226 16.83 29.28 -5.67
CA LEU A 226 16.40 30.34 -6.57
C LEU A 226 15.63 31.39 -5.76
N MET A 227 16.20 32.58 -5.65
CA MET A 227 15.63 33.63 -4.81
C MET A 227 14.59 34.43 -5.58
N ASN A 228 13.87 35.29 -4.84
CA ASN A 228 12.79 36.05 -5.43
C ASN A 228 13.30 37.03 -6.49
N GLU A 229 14.33 37.80 -6.14
CA GLU A 229 14.87 38.80 -7.07
C GLU A 229 15.74 38.19 -8.16
N HIS A 230 16.01 36.88 -8.10
CA HIS A 230 16.74 36.23 -9.20
C HIS A 230 15.88 36.17 -10.45
N VAL A 231 14.62 35.78 -10.31
CA VAL A 231 13.75 35.60 -11.47
C VAL A 231 13.33 36.96 -12.01
N LYS A 232 13.63 37.20 -13.29
CA LYS A 232 13.26 38.44 -13.96
C LYS A 232 12.57 38.10 -15.28
N GLY A 233 11.55 38.88 -15.63
CA GLY A 233 10.83 38.69 -16.87
C GLY A 233 9.92 37.49 -16.85
N PRO A 234 9.26 37.21 -17.98
CA PRO A 234 8.40 36.03 -18.07
C PRO A 234 9.19 34.74 -17.87
N THR A 235 8.72 33.92 -16.94
CA THR A 235 9.44 32.71 -16.56
C THR A 235 8.45 31.66 -16.07
N HIS A 236 8.65 30.42 -16.51
CA HIS A 236 7.93 29.27 -15.97
C HIS A 236 8.91 28.41 -15.19
N ILE A 237 8.58 28.10 -13.94
CA ILE A 237 9.44 27.35 -13.04
C ILE A 237 8.76 26.01 -12.77
N ALA A 238 9.39 24.93 -13.23
CA ALA A 238 8.91 23.57 -12.97
C ALA A 238 9.68 23.03 -11.77
N ALA A 239 9.13 23.24 -10.58
CA ALA A 239 9.76 22.78 -9.34
C ALA A 239 9.41 21.32 -9.13
N MET A 240 10.40 20.44 -9.29
CA MET A 240 10.18 19.01 -9.22
C MET A 240 10.90 18.33 -8.06
N GLY A 241 11.81 19.03 -7.37
CA GLY A 241 12.63 18.40 -6.36
C GLY A 241 11.96 18.16 -5.02
N THR A 242 11.17 19.13 -4.55
CA THR A 242 10.59 19.06 -3.21
C THR A 242 9.39 18.11 -3.22
N ASP A 243 9.56 16.94 -2.62
CA ASP A 243 8.49 15.96 -2.48
C ASP A 243 8.39 15.41 -1.07
N THR A 244 8.94 16.14 -0.10
CA THR A 244 9.01 15.67 1.28
C THR A 244 8.90 16.88 2.21
N LYS A 245 8.16 16.72 3.30
CA LYS A 245 8.06 17.76 4.31
C LYS A 245 9.44 18.07 4.87
N GLY A 246 9.94 19.30 4.63
CA GLY A 246 11.26 19.73 5.05
C GLY A 246 12.15 20.15 3.90
N LYS A 247 11.92 19.62 2.71
CA LYS A 247 12.69 20.00 1.54
C LYS A 247 12.25 21.37 1.03
N GLN A 248 13.18 22.07 0.37
CA GLN A 248 12.91 23.41 -0.13
C GLN A 248 13.87 23.72 -1.26
N GLU A 249 13.34 24.31 -2.32
CA GLU A 249 14.14 24.74 -3.46
C GLU A 249 14.02 26.23 -3.75
N LEU A 250 12.84 26.81 -3.57
CA LEU A 250 12.56 28.17 -3.98
C LEU A 250 12.41 29.10 -2.78
N ASP A 251 12.54 30.39 -3.06
CA ASP A 251 12.24 31.41 -2.06
C ASP A 251 10.73 31.51 -1.90
N PRO A 252 10.20 31.37 -0.68
CA PRO A 252 8.75 31.50 -0.49
C PRO A 252 8.18 32.82 -1.01
N ALA A 253 8.98 33.89 -1.02
CA ALA A 253 8.52 35.14 -1.60
C ALA A 253 8.33 35.01 -3.11
N LEU A 254 9.22 34.27 -3.78
CA LEU A 254 9.05 34.00 -5.20
C LEU A 254 7.81 33.14 -5.44
N VAL A 255 7.57 32.16 -4.58
CA VAL A 255 6.37 31.33 -4.69
C VAL A 255 5.11 32.16 -4.49
N ALA A 256 5.20 33.22 -3.67
CA ALA A 256 4.00 33.99 -3.33
C ALA A 256 3.52 34.84 -4.50
N ARG A 257 4.43 35.29 -5.36
CA ARG A 257 4.07 36.20 -6.45
C ARG A 257 3.84 35.47 -7.77
N ALA A 258 3.80 34.14 -7.76
CA ALA A 258 3.63 33.36 -8.97
C ALA A 258 2.26 32.70 -9.00
N ARG A 259 1.74 32.53 -10.21
CA ARG A 259 0.51 31.76 -10.41
C ARG A 259 0.86 30.28 -10.30
N ILE A 260 0.37 29.63 -9.24
CA ILE A 260 0.84 28.31 -8.86
C ILE A 260 -0.08 27.24 -9.44
N PHE A 261 0.53 26.19 -9.99
CA PHE A 261 -0.16 24.99 -10.44
C PHE A 261 0.52 23.78 -9.83
N THR A 262 -0.24 22.68 -9.72
CA THR A 262 0.29 21.47 -9.12
C THR A 262 -0.48 20.27 -9.64
N ASP A 263 0.00 19.08 -9.27
CA ASP A 263 -0.68 17.83 -9.60
C ASP A 263 -1.69 17.43 -8.55
N GLU A 264 -1.33 17.52 -7.27
CA GLU A 264 -2.23 17.24 -6.17
C GLU A 264 -2.12 18.39 -5.17
N VAL A 265 -3.21 19.14 -4.99
CA VAL A 265 -3.19 20.31 -4.13
C VAL A 265 -2.93 19.91 -2.69
N ALA A 266 -3.43 18.74 -2.27
CA ALA A 266 -3.22 18.29 -0.90
C ALA A 266 -1.73 18.03 -0.63
N GLN A 267 -1.03 17.42 -1.58
CA GLN A 267 0.40 17.17 -1.40
C GLN A 267 1.24 18.42 -1.60
N SER A 268 0.79 19.34 -2.47
CA SER A 268 1.57 20.54 -2.75
C SER A 268 1.72 21.41 -1.50
N VAL A 269 0.65 21.53 -0.71
CA VAL A 269 0.68 22.38 0.48
C VAL A 269 1.35 21.71 1.67
N SER A 270 1.57 20.40 1.62
CA SER A 270 2.15 19.66 2.73
C SER A 270 3.58 19.20 2.47
N ILE A 271 3.82 18.50 1.36
CA ILE A 271 5.16 18.00 1.04
C ILE A 271 5.76 18.68 -0.17
N GLY A 272 4.99 19.46 -0.92
CA GLY A 272 5.49 20.12 -2.11
C GLY A 272 6.24 21.40 -1.79
N GLU A 273 6.52 22.16 -2.84
CA GLU A 273 7.27 23.41 -2.67
C GLU A 273 6.43 24.47 -1.98
N CYS A 274 5.11 24.41 -2.12
CA CYS A 274 4.23 25.39 -1.49
C CYS A 274 4.12 25.23 0.02
N GLN A 275 4.72 24.18 0.60
CA GLN A 275 4.59 23.94 2.03
C GLN A 275 5.16 25.08 2.88
N HIS A 276 6.11 25.84 2.34
CA HIS A 276 6.73 26.92 3.10
C HIS A 276 5.98 28.23 2.98
N ALA A 277 5.47 28.55 1.78
CA ALA A 277 4.63 29.73 1.63
C ALA A 277 3.27 29.55 2.27
N ILE A 278 2.82 28.29 2.46
CA ILE A 278 1.58 28.05 3.17
C ILE A 278 1.78 28.24 4.68
N ALA A 279 2.86 27.70 5.23
CA ALA A 279 3.12 27.83 6.65
C ALA A 279 3.38 29.28 7.05
N ALA A 280 4.04 30.04 6.17
CA ALA A 280 4.31 31.44 6.44
C ALA A 280 3.10 32.34 6.22
N GLY A 281 1.96 31.78 5.83
CA GLY A 281 0.78 32.57 5.56
C GLY A 281 0.84 33.42 4.32
N LEU A 282 1.91 33.28 3.51
CA LEU A 282 2.03 34.06 2.29
C LEU A 282 0.96 33.70 1.28
N ILE A 283 0.54 32.44 1.23
CA ILE A 283 -0.50 31.98 0.32
C ILE A 283 -1.45 31.06 1.08
N ARG A 284 -2.61 30.83 0.48
CA ARG A 284 -3.58 29.87 0.98
C ARG A 284 -3.80 28.79 -0.07
N GLU A 285 -4.27 27.63 0.39
CA GLU A 285 -4.34 26.46 -0.49
C GLU A 285 -5.33 26.66 -1.63
N ASP A 286 -6.21 27.64 -1.51
CA ASP A 286 -7.20 27.83 -2.61
C ASP A 286 -6.56 28.63 -3.73
N GLN A 287 -5.40 29.21 -3.45
CA GLN A 287 -4.64 29.91 -4.48
C GLN A 287 -3.73 28.97 -5.27
N VAL A 288 -3.76 27.68 -4.98
CA VAL A 288 -2.92 26.69 -5.65
C VAL A 288 -3.78 26.00 -6.70
N GLY A 289 -3.47 26.24 -7.97
CA GLY A 289 -4.24 25.67 -9.06
C GLY A 289 -3.84 24.26 -9.40
N GLU A 290 -4.47 23.73 -10.44
CA GLU A 290 -4.22 22.38 -10.92
C GLU A 290 -3.75 22.44 -12.36
N LEU A 291 -2.60 21.82 -12.64
CA LEU A 291 -2.09 21.79 -14.01
C LEU A 291 -3.06 21.06 -14.93
N GLY A 292 -3.72 20.01 -14.43
CA GLY A 292 -4.66 19.28 -15.25
C GLY A 292 -5.82 20.11 -15.74
N ALA A 293 -6.26 21.09 -14.93
CA ALA A 293 -7.34 21.96 -15.36
C ALA A 293 -6.93 22.79 -16.57
N VAL A 294 -5.65 23.11 -16.69
CA VAL A 294 -5.15 23.78 -17.89
C VAL A 294 -5.17 22.82 -19.07
N VAL A 295 -4.82 21.55 -18.83
CA VAL A 295 -4.81 20.57 -19.90
C VAL A 295 -6.22 20.27 -20.38
N ALA A 296 -7.18 20.17 -19.45
CA ALA A 296 -8.56 19.88 -19.79
C ALA A 296 -9.31 21.07 -20.35
N GLY A 297 -8.67 22.23 -20.49
CA GLY A 297 -9.30 23.40 -21.04
C GLY A 297 -10.14 24.21 -20.07
N ASP A 298 -10.22 23.80 -18.80
CA ASP A 298 -11.01 24.53 -17.82
C ASP A 298 -10.27 25.73 -17.23
N ASP A 299 -8.94 25.74 -17.31
CA ASP A 299 -8.14 26.82 -16.78
C ASP A 299 -7.34 27.46 -17.92
N PRO A 300 -7.37 28.78 -18.07
CA PRO A 300 -6.58 29.42 -19.14
C PRO A 300 -5.09 29.26 -18.96
N GLY A 301 -4.61 29.14 -17.71
CA GLY A 301 -3.21 28.88 -17.47
C GLY A 301 -2.39 30.11 -17.12
N ARG A 302 -1.38 30.40 -17.93
CA ARG A 302 -0.48 31.51 -17.63
C ARG A 302 -1.21 32.86 -17.72
N GLY A 303 -1.89 33.11 -18.83
CA GLY A 303 -2.53 34.39 -19.03
C GLY A 303 -1.53 35.52 -19.18
N ASP A 304 -1.60 36.51 -18.29
CA ASP A 304 -0.68 37.63 -18.29
C ASP A 304 0.25 37.63 -17.09
N ALA A 305 0.34 36.51 -16.36
CA ALA A 305 1.24 36.43 -15.23
C ALA A 305 2.69 36.39 -15.71
N GLU A 306 3.58 36.96 -14.90
CA GLU A 306 4.99 37.01 -15.26
C GLU A 306 5.76 35.77 -14.81
N VAL A 307 5.34 35.12 -13.73
CA VAL A 307 6.01 33.93 -13.21
C VAL A 307 4.95 32.87 -12.93
N THR A 308 5.11 31.70 -13.54
CA THR A 308 4.28 30.54 -13.26
C THR A 308 5.14 29.45 -12.64
N ILE A 309 4.54 28.68 -11.74
CA ILE A 309 5.23 27.60 -11.04
C ILE A 309 4.35 26.35 -11.09
N PHE A 310 4.96 25.23 -11.45
CA PHE A 310 4.31 23.92 -11.36
C PHE A 310 4.98 23.14 -10.23
N ASP A 311 4.21 22.84 -9.18
CA ASP A 311 4.72 22.14 -8.00
C ASP A 311 4.54 20.64 -8.21
N GLY A 312 5.51 20.04 -8.91
CA GLY A 312 5.47 18.61 -9.17
C GLY A 312 5.88 17.78 -7.97
N THR A 313 4.91 17.14 -7.32
CA THR A 313 5.17 16.32 -6.15
C THR A 313 5.21 14.83 -6.46
N GLY A 314 4.55 14.40 -7.53
CA GLY A 314 4.50 12.99 -7.86
C GLY A 314 3.27 12.29 -7.33
N VAL A 315 2.44 11.75 -8.21
CA VAL A 315 1.24 11.04 -7.83
C VAL A 315 1.27 9.65 -8.44
N GLY A 316 0.58 8.71 -7.78
CA GLY A 316 0.63 7.32 -8.20
C GLY A 316 0.02 7.08 -9.57
N LEU A 317 -0.95 7.91 -9.97
CA LEU A 317 -1.56 7.73 -11.29
C LEU A 317 -0.53 7.91 -12.41
N GLN A 318 0.45 8.79 -12.20
CA GLN A 318 1.52 8.94 -13.19
C GLN A 318 2.29 7.64 -13.38
N ASP A 319 2.61 6.96 -12.28
CA ASP A 319 3.26 5.65 -12.37
C ASP A 319 2.34 4.62 -13.03
N LEU A 320 1.06 4.65 -12.66
CA LEU A 320 0.11 3.68 -13.23
C LEU A 320 -0.05 3.89 -14.73
N ALA A 321 -0.16 5.15 -15.17
CA ALA A 321 -0.36 5.42 -16.58
C ALA A 321 0.83 5.00 -17.42
N VAL A 322 2.05 5.28 -16.93
CA VAL A 322 3.23 4.96 -17.72
C VAL A 322 3.52 3.46 -17.67
N ALA A 323 3.08 2.76 -16.61
CA ALA A 323 3.30 1.33 -16.52
C ALA A 323 2.29 0.56 -17.36
N GLN A 324 1.05 1.03 -17.41
CA GLN A 324 0.05 0.39 -18.26
C GLN A 324 0.46 0.43 -19.72
N ALA A 325 0.99 1.58 -20.17
CA ALA A 325 1.47 1.68 -21.54
C ALA A 325 2.65 0.74 -21.80
N VAL A 326 3.50 0.53 -20.79
CA VAL A 326 4.64 -0.38 -20.94
C VAL A 326 4.15 -1.81 -21.12
N VAL A 327 3.14 -2.22 -20.35
CA VAL A 327 2.62 -3.58 -20.48
C VAL A 327 2.02 -3.78 -21.87
N GLU A 328 1.36 -2.75 -22.42
CA GLU A 328 0.81 -2.85 -23.76
C GLU A 328 1.91 -3.06 -24.80
N LEU A 329 2.98 -2.29 -24.70
CA LEU A 329 4.10 -2.43 -25.63
C LEU A 329 4.82 -3.77 -25.43
N ALA A 330 4.97 -4.19 -24.17
CA ALA A 330 5.65 -5.45 -23.88
C ALA A 330 4.92 -6.63 -24.49
N LYS A 331 3.58 -6.60 -24.46
CA LYS A 331 2.81 -7.68 -25.09
C LYS A 331 2.98 -7.67 -26.61
N HIS A 332 3.10 -6.48 -27.20
CA HIS A 332 3.32 -6.39 -28.65
C HIS A 332 4.72 -6.83 -29.02
N LYS A 333 5.73 -6.34 -28.30
CA LYS A 333 7.11 -6.71 -28.58
C LYS A 333 7.42 -8.14 -28.18
N GLY A 334 6.62 -8.73 -27.31
CA GLY A 334 6.85 -10.09 -26.86
C GLY A 334 7.79 -10.23 -25.69
N VAL A 335 7.98 -9.17 -24.91
CA VAL A 335 8.90 -9.19 -23.78
C VAL A 335 8.15 -9.18 -22.45
N ALA A 336 6.87 -9.52 -22.46
CA ALA A 336 6.06 -9.58 -21.25
C ALA A 336 5.99 -11.03 -20.79
N GLN A 337 6.55 -11.31 -19.61
CA GLN A 337 6.59 -12.65 -19.08
C GLN A 337 5.22 -13.04 -18.51
N GLU A 338 4.68 -14.16 -18.99
CA GLU A 338 3.42 -14.68 -18.49
C GLU A 338 3.70 -15.60 -17.31
N VAL A 339 3.17 -15.25 -16.14
CA VAL A 339 3.42 -15.97 -14.90
C VAL A 339 2.07 -16.36 -14.29
N GLU A 340 1.97 -17.62 -13.88
CA GLU A 340 0.74 -18.10 -13.25
C GLU A 340 0.74 -17.75 -11.77
N ILE A 341 -0.37 -17.19 -11.30
CA ILE A 341 -0.50 -16.83 -9.89
C ILE A 341 -1.93 -17.07 -9.43
N ARG B 20 18.91 -10.72 -11.49
CA ARG B 20 18.10 -10.72 -10.28
C ARG B 20 16.66 -11.12 -10.57
N HIS B 21 16.18 -12.13 -9.84
CA HIS B 21 14.86 -12.70 -10.05
C HIS B 21 14.00 -12.53 -8.80
N MET B 22 12.70 -12.44 -9.00
CA MET B 22 11.72 -12.50 -7.93
C MET B 22 11.00 -13.84 -7.98
N LEU B 23 10.43 -14.23 -6.85
CA LEU B 23 9.72 -15.49 -6.74
C LEU B 23 8.22 -15.26 -6.82
N VAL B 24 7.52 -16.18 -7.47
CA VAL B 24 6.06 -16.14 -7.56
C VAL B 24 5.52 -17.50 -7.15
N VAL B 25 4.63 -17.51 -6.17
CA VAL B 25 3.99 -18.73 -5.68
C VAL B 25 2.51 -18.65 -6.07
N ALA B 26 2.11 -19.48 -7.03
CA ALA B 26 0.74 -19.46 -7.52
C ALA B 26 -0.25 -19.87 -6.42
N GLU B 27 -1.51 -19.50 -6.64
CA GLU B 27 -2.55 -19.76 -5.64
C GLU B 27 -2.78 -21.26 -5.46
N LYS B 28 -2.74 -22.03 -6.57
CA LYS B 28 -3.02 -23.45 -6.51
C LYS B 28 -1.94 -24.24 -5.75
N GLU B 29 -0.82 -23.61 -5.43
CA GLU B 29 0.24 -24.30 -4.69
C GLU B 29 0.12 -24.14 -3.18
N ILE B 30 -0.69 -23.19 -2.71
CA ILE B 30 -0.75 -22.89 -1.29
C ILE B 30 -1.32 -24.06 -0.51
N ALA B 31 -2.29 -24.76 -1.08
CA ALA B 31 -2.94 -25.86 -0.37
C ALA B 31 -1.96 -27.01 -0.11
N GLY B 32 -1.11 -27.32 -1.09
CA GLY B 32 -0.14 -28.39 -0.95
C GLY B 32 1.13 -28.04 -0.22
N LEU B 33 1.30 -26.78 0.18
CA LEU B 33 2.50 -26.34 0.88
C LEU B 33 2.24 -25.96 2.33
N MET B 34 1.17 -25.20 2.59
CA MET B 34 0.90 -24.71 3.93
C MET B 34 0.23 -25.78 4.77
N THR B 35 0.48 -25.71 6.08
CA THR B 35 -0.11 -26.61 7.06
C THR B 35 -0.54 -25.77 8.25
N PRO B 36 -1.49 -26.28 9.05
CA PRO B 36 -1.84 -25.56 10.30
C PRO B 36 -0.65 -25.36 11.22
N GLU B 37 0.29 -26.31 11.26
CA GLU B 37 1.49 -26.13 12.06
C GLU B 37 2.37 -25.01 11.51
N ALA B 38 2.55 -24.97 10.19
CA ALA B 38 3.34 -23.91 9.57
C ALA B 38 2.66 -22.56 9.73
N ALA B 39 1.34 -22.52 9.62
CA ALA B 39 0.62 -21.27 9.83
C ALA B 39 0.69 -20.84 11.29
N PHE B 40 0.63 -21.79 12.21
CA PHE B 40 0.67 -21.47 13.63
C PHE B 40 2.02 -20.86 14.02
N GLU B 41 3.11 -21.43 13.52
CA GLU B 41 4.45 -20.92 13.86
C GLU B 41 4.62 -19.48 13.40
N ALA B 42 4.16 -19.16 12.18
CA ALA B 42 4.37 -17.82 11.65
C ALA B 42 3.54 -16.79 12.40
N ILE B 43 2.30 -17.14 12.75
CA ILE B 43 1.42 -16.17 13.40
C ILE B 43 1.78 -16.01 14.87
N GLU B 44 2.08 -17.11 15.55
CA GLU B 44 2.53 -17.02 16.94
C GLU B 44 3.80 -16.17 17.04
N ALA B 45 4.70 -16.29 16.07
CA ALA B 45 5.93 -15.51 16.10
C ALA B 45 5.67 -14.04 15.83
N VAL B 46 4.82 -13.72 14.85
CA VAL B 46 4.56 -12.33 14.52
C VAL B 46 3.77 -11.63 15.61
N PHE B 47 3.01 -12.39 16.43
CA PHE B 47 2.35 -11.80 17.58
C PHE B 47 3.38 -11.34 18.61
N ALA B 48 4.37 -12.18 18.89
CA ALA B 48 5.39 -11.81 19.87
C ALA B 48 6.23 -10.63 19.39
N SER B 49 6.47 -10.52 18.08
CA SER B 49 7.22 -9.39 17.56
C SER B 49 6.46 -8.09 17.72
N MET B 50 5.14 -8.11 17.49
CA MET B 50 4.34 -6.91 17.67
C MET B 50 4.33 -6.47 19.13
N ALA B 51 4.32 -7.43 20.06
CA ALA B 51 4.33 -7.09 21.48
C ALA B 51 5.66 -6.46 21.88
N ARG B 52 6.76 -7.05 21.44
CA ARG B 52 8.09 -6.52 21.73
C ARG B 52 8.45 -5.32 20.87
N ARG B 53 7.49 -4.77 20.12
CA ARG B 53 7.69 -3.56 19.31
C ARG B 53 8.78 -3.76 18.27
N LYS B 54 8.94 -4.98 17.77
CA LYS B 54 9.85 -5.27 16.67
C LYS B 54 9.14 -5.37 15.33
N ALA B 55 7.83 -5.10 15.29
CA ALA B 55 7.05 -5.17 14.07
C ALA B 55 5.80 -4.33 14.26
N TYR B 56 5.36 -3.68 13.18
CA TYR B 56 4.18 -2.85 13.24
C TYR B 56 3.48 -2.85 11.89
N ASN B 57 2.20 -2.50 11.90
CA ASN B 57 1.38 -2.42 10.70
C ASN B 57 1.32 -0.99 10.21
N PHE B 58 1.38 -0.81 8.89
CA PHE B 58 1.25 0.50 8.30
C PHE B 58 -0.21 0.95 8.35
N PRO B 59 -0.46 2.26 8.22
CA PRO B 59 -1.85 2.72 8.10
C PRO B 59 -2.54 2.07 6.91
N VAL B 60 -3.71 1.52 7.15
CA VAL B 60 -4.44 0.77 6.13
C VAL B 60 -5.11 1.73 5.16
N VAL B 61 -4.96 1.46 3.87
CA VAL B 61 -5.67 2.17 2.82
C VAL B 61 -6.87 1.32 2.40
N ARG B 62 -8.04 1.94 2.30
CA ARG B 62 -9.26 1.20 1.98
C ARG B 62 -10.17 2.14 1.19
N GLU B 63 -10.41 1.82 -0.08
CA GLU B 63 -11.09 2.72 -1.00
C GLU B 63 -12.19 1.98 -1.75
N ALA B 64 -13.36 2.59 -1.82
CA ALA B 64 -14.42 2.14 -2.71
C ALA B 64 -14.23 2.87 -4.03
N ILE B 65 -13.62 2.19 -5.00
CA ILE B 65 -13.19 2.85 -6.22
C ILE B 65 -14.35 3.26 -7.13
N GLY B 66 -15.58 2.92 -6.77
CA GLY B 66 -16.71 3.34 -7.58
C GLY B 66 -16.82 2.63 -8.92
N HIS B 67 -16.41 1.38 -8.99
CA HIS B 67 -16.49 0.61 -10.24
C HIS B 67 -16.65 -0.86 -9.85
N GLU B 68 -17.73 -1.48 -10.33
CA GLU B 68 -18.07 -2.86 -9.97
C GLU B 68 -18.23 -3.04 -8.46
N ASP B 69 -18.57 -1.96 -7.76
CA ASP B 69 -18.81 -1.98 -6.30
C ASP B 69 -17.60 -2.52 -5.55
N ALA B 70 -16.40 -2.24 -6.05
CA ALA B 70 -15.19 -2.84 -5.50
C ALA B 70 -14.71 -2.06 -4.28
N LEU B 71 -14.14 -2.79 -3.33
CA LEU B 71 -13.41 -2.23 -2.20
C LEU B 71 -11.96 -2.69 -2.36
N TYR B 72 -11.07 -1.73 -2.62
CA TYR B 72 -9.67 -2.03 -2.91
C TYR B 72 -8.77 -1.24 -1.97
N GLY B 73 -7.70 -1.89 -1.52
CA GLY B 73 -6.80 -1.23 -0.58
C GLY B 73 -5.57 -2.05 -0.32
N PHE B 74 -4.73 -1.54 0.57
CA PHE B 74 -3.44 -2.15 0.90
C PHE B 74 -3.31 -2.30 2.40
N LYS B 75 -2.63 -3.37 2.81
CA LYS B 75 -2.31 -3.65 4.22
C LYS B 75 -0.81 -3.93 4.28
N GLY B 76 -0.04 -2.89 4.55
CA GLY B 76 1.40 -3.01 4.63
C GLY B 76 1.90 -3.16 6.06
N GLY B 77 3.15 -3.60 6.17
CA GLY B 77 3.76 -3.78 7.48
C GLY B 77 5.21 -4.16 7.33
N PHE B 78 5.93 -4.08 8.45
CA PHE B 78 7.34 -4.44 8.49
C PHE B 78 7.65 -5.16 9.78
N ASP B 79 8.28 -6.34 9.66
CA ASP B 79 8.70 -7.15 10.80
C ASP B 79 10.22 -7.09 10.86
N ALA B 80 10.75 -6.32 11.83
CA ALA B 80 12.20 -6.21 11.99
C ALA B 80 12.81 -7.46 12.59
N SER B 81 12.01 -8.32 13.23
CA SER B 81 12.54 -9.53 13.84
C SER B 81 12.74 -10.63 12.81
N ALA B 82 11.83 -10.77 11.85
CA ALA B 82 11.92 -11.78 10.82
C ALA B 82 12.34 -11.21 9.47
N LEU B 83 12.60 -9.90 9.40
CA LEU B 83 13.02 -9.23 8.16
C LEU B 83 12.02 -9.46 7.03
N VAL B 84 10.74 -9.19 7.32
CA VAL B 84 9.67 -9.30 6.35
C VAL B 84 9.12 -7.90 6.10
N LEU B 85 9.04 -7.52 4.84
CA LEU B 85 8.55 -6.20 4.45
C LEU B 85 7.69 -6.34 3.20
N GLY B 86 6.52 -5.73 3.22
CA GLY B 86 5.65 -5.79 2.06
C GLY B 86 4.24 -5.38 2.42
N LEU B 87 3.29 -5.92 1.65
CA LEU B 87 1.89 -5.56 1.82
C LEU B 87 1.02 -6.63 1.18
N LYS B 88 -0.25 -6.64 1.57
CA LYS B 88 -1.29 -7.37 0.88
C LYS B 88 -2.18 -6.35 0.17
N ALA B 89 -2.34 -6.51 -1.14
CA ALA B 89 -3.15 -5.62 -1.94
C ALA B 89 -4.32 -6.40 -2.54
N GLY B 90 -5.46 -5.72 -2.67
CA GLY B 90 -6.64 -6.35 -3.21
C GLY B 90 -7.89 -5.93 -2.48
N GLY B 91 -8.91 -6.79 -2.44
CA GLY B 91 -10.13 -6.47 -1.74
C GLY B 91 -11.31 -7.35 -2.07
N TYR B 92 -12.48 -6.73 -2.28
CA TYR B 92 -13.74 -7.45 -2.40
C TYR B 92 -14.46 -6.98 -3.65
N TRP B 93 -14.70 -7.90 -4.57
CA TRP B 93 -15.47 -7.63 -5.80
C TRP B 93 -16.79 -8.38 -5.73
N PRO B 94 -17.90 -7.72 -5.35
CA PRO B 94 -19.15 -8.46 -5.12
C PRO B 94 -19.77 -9.03 -6.38
N ASN B 95 -19.46 -8.49 -7.56
CA ASN B 95 -20.05 -8.95 -8.81
C ASN B 95 -19.20 -10.00 -9.51
N ASN B 96 -18.22 -10.59 -8.83
CA ASN B 96 -17.30 -11.53 -9.44
C ASN B 96 -17.95 -12.84 -9.86
N GLN B 97 -19.24 -13.05 -9.58
CA GLN B 97 -19.89 -14.28 -10.00
C GLN B 97 -19.95 -14.39 -11.52
N LYS B 98 -20.09 -13.26 -12.22
CA LYS B 98 -20.12 -13.30 -13.68
C LYS B 98 -18.79 -13.70 -14.29
N HIS B 99 -17.69 -13.52 -13.55
CA HIS B 99 -16.36 -13.92 -14.00
C HIS B 99 -15.98 -15.30 -13.50
N ASN B 100 -16.90 -16.03 -12.85
CA ASN B 100 -16.62 -17.32 -12.23
C ASN B 100 -15.46 -17.22 -11.25
N LEU B 101 -15.40 -16.11 -10.53
CA LEU B 101 -14.36 -15.85 -9.54
C LEU B 101 -15.00 -15.58 -8.18
N ILE B 102 -14.26 -15.87 -7.12
CA ILE B 102 -14.76 -15.55 -5.78
C ILE B 102 -14.64 -14.05 -5.55
N ASN B 103 -15.43 -13.56 -4.59
CA ASN B 103 -15.50 -12.12 -4.35
C ASN B 103 -14.19 -11.58 -3.80
N HIS B 104 -13.52 -12.34 -2.94
CA HIS B 104 -12.27 -11.92 -2.33
C HIS B 104 -11.10 -12.20 -3.27
N GLN B 105 -10.34 -11.15 -3.59
CA GLN B 105 -9.18 -11.27 -4.46
C GLN B 105 -8.07 -10.42 -3.87
N SER B 106 -7.01 -11.06 -3.38
CA SER B 106 -5.88 -10.35 -2.79
C SER B 106 -4.58 -11.02 -3.24
N THR B 107 -3.50 -10.25 -3.18
CA THR B 107 -2.17 -10.71 -3.53
C THR B 107 -1.16 -10.07 -2.60
N VAL B 108 -0.22 -10.87 -2.11
CA VAL B 108 0.81 -10.42 -1.18
C VAL B 108 2.10 -10.18 -1.95
N PHE B 109 2.70 -9.01 -1.77
CA PHE B 109 3.98 -8.67 -2.35
C PHE B 109 5.00 -8.49 -1.24
N LEU B 110 6.12 -9.20 -1.34
CA LEU B 110 7.20 -9.12 -0.36
C LEU B 110 8.39 -8.37 -0.96
N PHE B 111 9.04 -7.57 -0.14
CA PHE B 111 10.19 -6.76 -0.56
C PHE B 111 11.39 -7.06 0.33
N ASP B 112 12.58 -6.93 -0.26
CA ASP B 112 13.82 -7.09 0.48
C ASP B 112 14.01 -5.90 1.41
N PRO B 113 14.02 -6.10 2.73
CA PRO B 113 14.20 -4.95 3.64
C PRO B 113 15.57 -4.29 3.53
N ASP B 114 16.58 -5.01 3.04
CA ASP B 114 17.92 -4.44 2.97
C ASP B 114 18.13 -3.59 1.72
N THR B 115 17.44 -3.91 0.64
CA THR B 115 17.67 -3.23 -0.64
C THR B 115 16.46 -2.44 -1.13
N GLY B 116 15.25 -2.97 -0.94
CA GLY B 116 14.05 -2.31 -1.42
C GLY B 116 13.46 -2.91 -2.67
N ARG B 117 14.11 -3.93 -3.20
CA ARG B 117 13.62 -4.60 -4.41
C ARG B 117 12.48 -5.52 -4.02
N VAL B 118 11.59 -5.80 -4.95
CA VAL B 118 10.50 -6.76 -4.66
C VAL B 118 11.13 -8.16 -4.60
N SER B 119 10.65 -9.03 -3.74
CA SER B 119 11.29 -10.36 -3.67
C SER B 119 10.34 -11.50 -3.99
N ALA B 120 9.06 -11.37 -3.65
CA ALA B 120 8.08 -12.42 -3.87
C ALA B 120 6.72 -11.81 -4.17
N ALA B 121 5.87 -12.64 -4.79
CA ALA B 121 4.48 -12.29 -5.07
C ALA B 121 3.64 -13.55 -4.92
N VAL B 122 2.75 -13.56 -3.94
CA VAL B 122 1.97 -14.74 -3.58
C VAL B 122 0.49 -14.38 -3.54
N GLY B 123 -0.35 -15.27 -4.05
CA GLY B 123 -1.78 -15.09 -3.91
C GLY B 123 -2.19 -15.18 -2.45
N GLY B 124 -3.05 -14.27 -2.01
CA GLY B 124 -3.42 -14.16 -0.61
C GLY B 124 -4.83 -14.62 -0.27
N ASN B 125 -5.51 -15.32 -1.18
CA ASN B 125 -6.86 -15.78 -0.89
C ASN B 125 -6.86 -16.85 0.19
N LEU B 126 -6.23 -18.00 -0.08
CA LEU B 126 -6.16 -19.05 0.92
C LEU B 126 -5.30 -18.66 2.11
N LEU B 127 -4.26 -17.86 1.88
CA LEU B 127 -3.40 -17.44 2.98
C LEU B 127 -4.16 -16.64 4.02
N THR B 128 -5.12 -15.82 3.58
CA THR B 128 -5.91 -15.03 4.52
C THR B 128 -6.73 -15.93 5.43
N ALA B 129 -7.34 -16.99 4.88
CA ALA B 129 -8.11 -17.91 5.70
C ALA B 129 -7.22 -18.67 6.67
N LEU B 130 -5.99 -19.00 6.25
CA LEU B 130 -5.10 -19.78 7.10
C LEU B 130 -4.54 -18.95 8.24
N ARG B 131 -4.14 -17.69 7.96
CA ARG B 131 -3.61 -16.85 9.03
C ARG B 131 -4.72 -16.44 10.00
N THR B 132 -5.94 -16.27 9.52
CA THR B 132 -7.06 -16.01 10.42
C THR B 132 -7.34 -17.21 11.32
N ALA B 133 -7.31 -18.41 10.74
CA ALA B 133 -7.49 -19.61 11.54
C ALA B 133 -6.33 -19.80 12.52
N ALA B 134 -5.10 -19.47 12.09
CA ALA B 134 -3.96 -19.60 12.97
C ALA B 134 -3.99 -18.57 14.10
N ALA B 135 -4.58 -17.40 13.84
CA ALA B 135 -4.67 -16.37 14.88
C ALA B 135 -5.52 -16.84 16.06
N SER B 136 -6.70 -17.39 15.77
CA SER B 136 -7.56 -17.89 16.83
C SER B 136 -6.93 -19.11 17.52
N ALA B 137 -6.14 -19.90 16.78
CA ALA B 137 -5.47 -21.05 17.39
C ALA B 137 -4.43 -20.61 18.41
N VAL B 138 -3.75 -19.48 18.16
CA VAL B 138 -2.80 -18.97 19.14
C VAL B 138 -3.54 -18.54 20.42
N SER B 139 -4.72 -17.95 20.27
CA SER B 139 -5.48 -17.54 21.44
C SER B 139 -6.00 -18.74 22.22
N ILE B 140 -6.19 -19.88 21.56
CA ILE B 140 -6.60 -21.08 22.27
C ILE B 140 -5.43 -21.67 23.04
N LYS B 141 -4.22 -21.60 22.48
CA LYS B 141 -3.06 -22.16 23.17
C LYS B 141 -2.72 -21.38 24.44
N TYR B 142 -2.95 -20.07 24.45
CA TYR B 142 -2.54 -19.23 25.56
C TYR B 142 -3.69 -18.74 26.44
N LEU B 143 -4.95 -19.01 26.08
CA LEU B 143 -6.07 -18.50 26.86
C LEU B 143 -7.17 -19.52 27.13
N ALA B 144 -7.11 -20.72 26.58
CA ALA B 144 -8.17 -21.70 26.83
C ALA B 144 -8.16 -22.12 28.30
N PRO B 145 -9.32 -22.47 28.85
CA PRO B 145 -9.36 -22.97 30.22
C PRO B 145 -8.58 -24.27 30.37
N LYS B 146 -8.23 -24.59 31.61
CA LYS B 146 -7.51 -25.82 31.88
C LYS B 146 -8.36 -27.03 31.51
N GLY B 147 -7.79 -27.92 30.70
CA GLY B 147 -8.50 -29.11 30.27
C GLY B 147 -9.80 -28.82 29.55
N ALA B 148 -9.75 -27.95 28.55
CA ALA B 148 -10.94 -27.62 27.78
C ALA B 148 -11.46 -28.85 27.06
N LYS B 149 -12.73 -29.18 27.30
CA LYS B 149 -13.33 -30.40 26.76
C LYS B 149 -14.01 -30.17 25.42
N VAL B 150 -14.98 -29.26 25.38
CA VAL B 150 -15.85 -29.07 24.21
C VAL B 150 -15.43 -27.80 23.48
N LEU B 151 -15.40 -27.88 22.16
CA LEU B 151 -15.14 -26.74 21.29
C LEU B 151 -16.46 -26.25 20.70
N GLY B 152 -16.75 -24.97 20.90
CA GLY B 152 -17.95 -24.34 20.37
C GLY B 152 -17.66 -23.60 19.07
N MET B 153 -18.55 -23.77 18.10
CA MET B 153 -18.41 -23.13 16.79
C MET B 153 -19.69 -22.35 16.50
N ILE B 154 -19.55 -21.05 16.34
CA ILE B 154 -20.66 -20.18 15.97
C ILE B 154 -20.44 -19.76 14.53
N GLY B 155 -21.20 -20.34 13.62
CA GLY B 155 -21.03 -20.07 12.22
C GLY B 155 -20.48 -21.27 11.47
N ALA B 156 -20.95 -21.45 10.24
CA ALA B 156 -20.56 -22.58 9.40
C ALA B 156 -20.25 -22.12 7.98
N GLY B 157 -19.65 -20.94 7.85
CA GLY B 157 -19.26 -20.41 6.56
C GLY B 157 -18.03 -21.11 6.00
N HIS B 158 -17.44 -20.47 4.98
CA HIS B 158 -16.24 -21.04 4.36
C HIS B 158 -15.08 -21.07 5.35
N GLN B 159 -14.94 -20.04 6.17
CA GLN B 159 -13.83 -19.96 7.12
C GLN B 159 -13.95 -20.95 8.26
N SER B 160 -15.15 -21.47 8.52
CA SER B 160 -15.36 -22.32 9.70
C SER B 160 -14.59 -23.63 9.60
N ALA B 161 -14.39 -24.16 8.40
CA ALA B 161 -13.63 -25.40 8.26
C ALA B 161 -12.16 -25.20 8.60
N PHE B 162 -11.61 -24.02 8.25
CA PHE B 162 -10.22 -23.74 8.62
C PHE B 162 -10.09 -23.44 10.11
N GLN B 163 -11.10 -22.81 10.70
CA GLN B 163 -11.04 -22.49 12.13
C GLN B 163 -11.04 -23.76 12.97
N MET B 164 -11.87 -24.74 12.62
CA MET B 164 -11.94 -25.97 13.40
C MET B 164 -10.69 -26.81 13.23
N ARG B 165 -10.13 -26.83 12.02
CA ARG B 165 -8.90 -27.61 11.80
C ARG B 165 -7.73 -26.99 12.53
N ALA B 166 -7.65 -25.66 12.57
CA ALA B 166 -6.57 -25.02 13.32
C ALA B 166 -6.76 -25.14 14.82
N ALA B 167 -8.02 -25.20 15.28
CA ALA B 167 -8.27 -25.35 16.71
C ALA B 167 -7.91 -26.74 17.19
N ALA B 168 -8.31 -27.77 16.43
CA ALA B 168 -7.98 -29.14 16.82
C ALA B 168 -6.49 -29.44 16.70
N ASN B 169 -5.77 -28.68 15.87
CA ASN B 169 -4.34 -28.91 15.71
C ASN B 169 -3.53 -28.42 16.91
N VAL B 170 -4.06 -27.46 17.67
CA VAL B 170 -3.33 -26.89 18.79
C VAL B 170 -3.86 -27.36 20.13
N HIS B 171 -5.08 -27.89 20.20
CA HIS B 171 -5.66 -28.34 21.46
C HIS B 171 -6.49 -29.60 21.21
N ARG B 172 -6.28 -30.61 22.05
CA ARG B 172 -7.03 -31.86 21.93
C ARG B 172 -8.41 -31.68 22.54
N PHE B 173 -9.45 -31.76 21.71
CA PHE B 173 -10.83 -31.62 22.15
C PHE B 173 -11.51 -32.98 22.20
N GLU B 174 -12.55 -33.05 23.01
CA GLU B 174 -13.35 -34.27 23.17
C GLU B 174 -14.71 -34.19 22.48
N LYS B 175 -15.26 -32.99 22.32
CA LYS B 175 -16.57 -32.80 21.71
C LYS B 175 -16.55 -31.50 20.93
N VAL B 176 -17.33 -31.46 19.85
CA VAL B 176 -17.48 -30.27 19.02
C VAL B 176 -18.97 -29.99 18.89
N ILE B 177 -19.41 -28.86 19.45
CA ILE B 177 -20.79 -28.42 19.31
C ILE B 177 -20.80 -27.17 18.44
N GLY B 178 -21.86 -27.02 17.66
CA GLY B 178 -21.94 -25.92 16.73
C GLY B 178 -23.32 -25.34 16.53
N TRP B 179 -23.40 -24.03 16.38
CA TRP B 179 -24.63 -23.32 16.07
C TRP B 179 -24.39 -22.45 14.84
N ASN B 180 -25.44 -22.27 14.03
CA ASN B 180 -25.32 -21.56 12.78
C ASN B 180 -26.51 -20.61 12.62
N PRO B 181 -26.28 -19.33 12.34
CA PRO B 181 -27.40 -18.43 12.05
C PRO B 181 -28.27 -18.91 10.91
N HIS B 182 -27.68 -19.58 9.92
CA HIS B 182 -28.44 -20.22 8.85
C HIS B 182 -28.34 -21.73 9.03
N PRO B 183 -29.41 -22.41 9.47
CA PRO B 183 -29.31 -23.85 9.77
C PRO B 183 -29.09 -24.72 8.55
N GLU B 184 -29.14 -24.18 7.33
CA GLU B 184 -29.01 -25.01 6.14
C GLU B 184 -27.61 -25.58 6.01
N MET B 185 -26.58 -24.77 6.24
CA MET B 185 -25.19 -25.19 6.10
C MET B 185 -24.59 -25.71 7.41
N LEU B 186 -25.42 -26.20 8.33
CA LEU B 186 -24.89 -26.81 9.55
C LEU B 186 -24.09 -28.06 9.26
N SER B 187 -24.27 -28.67 8.08
CA SER B 187 -23.53 -29.88 7.74
C SER B 187 -22.06 -29.62 7.49
N ARG B 188 -21.67 -28.36 7.26
CA ARG B 188 -20.26 -28.06 7.01
C ARG B 188 -19.42 -28.31 8.26
N LEU B 189 -19.96 -28.00 9.44
CA LEU B 189 -19.23 -28.27 10.67
C LEU B 189 -19.14 -29.77 10.94
N ALA B 190 -20.22 -30.51 10.64
CA ALA B 190 -20.24 -31.94 10.91
C ALA B 190 -19.21 -32.69 10.06
N ASP B 191 -19.06 -32.28 8.80
CA ASP B 191 -18.09 -32.93 7.93
C ASP B 191 -16.67 -32.64 8.38
N THR B 192 -16.42 -31.42 8.88
CA THR B 192 -15.08 -31.08 9.36
C THR B 192 -14.77 -31.79 10.67
N ALA B 193 -15.75 -31.86 11.57
CA ALA B 193 -15.55 -32.54 12.84
C ALA B 193 -15.30 -34.03 12.63
N ALA B 194 -16.06 -34.67 11.73
CA ALA B 194 -15.81 -36.06 11.40
C ALA B 194 -14.47 -36.24 10.71
N GLU B 195 -14.03 -35.24 9.94
CA GLU B 195 -12.73 -35.32 9.28
C GLU B 195 -11.60 -35.36 10.31
N LEU B 196 -11.76 -34.65 11.42
CA LEU B 196 -10.75 -34.58 12.46
C LEU B 196 -10.88 -35.70 13.50
N GLY B 197 -11.83 -36.62 13.32
CA GLY B 197 -12.02 -37.70 14.28
C GLY B 197 -12.64 -37.25 15.58
N LEU B 198 -13.59 -36.32 15.53
CA LEU B 198 -14.26 -35.81 16.71
C LEU B 198 -15.77 -35.83 16.51
N PRO B 199 -16.52 -36.17 17.55
CA PRO B 199 -17.98 -36.15 17.42
C PRO B 199 -18.53 -34.74 17.32
N PHE B 200 -19.69 -34.62 16.69
CA PHE B 200 -20.34 -33.34 16.49
C PHE B 200 -21.80 -33.42 16.90
N GLU B 201 -22.34 -32.29 17.37
CA GLU B 201 -23.74 -32.21 17.74
C GLU B 201 -24.22 -30.79 17.49
N ALA B 202 -25.24 -30.64 16.64
CA ALA B 202 -25.82 -29.33 16.38
C ALA B 202 -26.66 -28.89 17.57
N VAL B 203 -26.22 -27.86 18.26
CA VAL B 203 -26.88 -27.39 19.47
C VAL B 203 -27.38 -25.96 19.26
N GLU B 204 -28.28 -25.54 20.14
CA GLU B 204 -28.78 -24.18 20.12
C GLU B 204 -27.79 -23.25 20.81
N LEU B 205 -28.02 -21.94 20.66
CA LEU B 205 -27.05 -20.96 21.11
C LEU B 205 -27.00 -20.86 22.63
N ASP B 206 -28.10 -21.16 23.31
CA ASP B 206 -28.10 -21.10 24.77
C ASP B 206 -27.30 -22.25 25.37
N ARG B 207 -27.43 -23.45 24.81
CA ARG B 207 -26.68 -24.59 25.31
C ARG B 207 -25.21 -24.51 24.93
N LEU B 208 -24.90 -23.88 23.79
CA LEU B 208 -23.51 -23.78 23.34
C LEU B 208 -22.66 -23.02 24.35
N GLY B 209 -23.15 -21.87 24.82
CA GLY B 209 -22.40 -21.06 25.77
C GLY B 209 -22.19 -21.72 27.11
N ALA B 210 -22.99 -22.73 27.44
CA ALA B 210 -22.88 -23.41 28.72
C ALA B 210 -21.91 -24.59 28.70
N GLU B 211 -21.80 -25.28 27.57
CA GLU B 211 -20.98 -26.49 27.49
C GLU B 211 -19.64 -26.27 26.81
N ALA B 212 -19.53 -25.28 25.92
CA ALA B 212 -18.30 -25.07 25.17
C ALA B 212 -17.26 -24.38 26.04
N ASP B 213 -16.11 -25.03 26.23
CA ASP B 213 -15.00 -24.40 26.95
C ASP B 213 -14.23 -23.44 26.06
N VAL B 214 -14.24 -23.66 24.75
CA VAL B 214 -13.62 -22.76 23.79
C VAL B 214 -14.64 -22.50 22.68
N ILE B 215 -14.90 -21.22 22.41
CA ILE B 215 -15.89 -20.80 21.43
C ILE B 215 -15.19 -20.01 20.33
N VAL B 216 -15.43 -20.40 19.10
CA VAL B 216 -14.87 -19.68 17.94
C VAL B 216 -16.04 -19.19 17.10
N SER B 217 -16.26 -17.88 17.07
CA SER B 217 -17.36 -17.28 16.28
C SER B 217 -16.79 -16.72 14.99
N ILE B 218 -17.35 -17.07 13.85
CA ILE B 218 -16.79 -16.53 12.60
C ILE B 218 -17.95 -16.21 11.67
N THR B 219 -18.77 -15.25 12.01
CA THR B 219 -19.94 -14.91 11.17
C THR B 219 -19.92 -13.46 10.71
N SER B 220 -20.67 -13.16 9.67
CA SER B 220 -20.84 -11.79 9.18
C SER B 220 -22.10 -11.17 9.78
N SER B 221 -22.11 -11.10 11.10
CA SER B 221 -23.29 -10.69 11.85
C SER B 221 -23.24 -9.21 12.18
N PHE B 222 -24.44 -8.60 12.29
CA PHE B 222 -24.58 -7.20 12.65
C PHE B 222 -25.43 -7.02 13.90
N SER B 223 -25.58 -8.08 14.70
CA SER B 223 -26.34 -8.04 15.94
C SER B 223 -25.72 -9.04 16.90
N PRO B 224 -25.84 -8.82 18.20
CA PRO B 224 -25.25 -9.76 19.17
C PRO B 224 -25.90 -11.12 19.09
N LEU B 225 -25.07 -12.15 18.87
CA LEU B 225 -25.55 -13.52 18.80
C LEU B 225 -25.38 -14.21 20.15
N LEU B 226 -24.13 -14.43 20.56
CA LEU B 226 -23.85 -15.02 21.85
C LEU B 226 -24.16 -14.02 22.95
N MET B 227 -25.18 -14.31 23.76
CA MET B 227 -25.63 -13.38 24.78
C MET B 227 -24.87 -13.61 26.08
N ASN B 228 -25.00 -12.63 26.99
CA ASN B 228 -24.28 -12.69 28.26
C ASN B 228 -24.77 -13.84 29.12
N GLU B 229 -26.09 -14.08 29.14
CA GLU B 229 -26.64 -15.15 29.96
C GLU B 229 -26.39 -16.54 29.36
N HIS B 230 -25.88 -16.61 28.14
CA HIS B 230 -25.56 -17.90 27.54
C HIS B 230 -24.28 -18.50 28.11
N VAL B 231 -23.24 -17.68 28.27
CA VAL B 231 -21.93 -18.16 28.67
C VAL B 231 -21.92 -18.43 30.16
N LYS B 232 -21.60 -19.67 30.54
CA LYS B 232 -21.50 -20.07 31.94
C LYS B 232 -20.21 -20.85 32.14
N GLY B 233 -19.51 -20.56 33.23
CA GLY B 233 -18.29 -21.25 33.57
C GLY B 233 -17.09 -20.74 32.79
N PRO B 234 -15.92 -21.31 33.07
CA PRO B 234 -14.70 -20.88 32.36
C PRO B 234 -14.80 -21.12 30.87
N THR B 235 -14.65 -20.04 30.10
CA THR B 235 -14.81 -20.12 28.66
C THR B 235 -13.88 -19.10 28.01
N HIS B 236 -13.21 -19.51 26.94
CA HIS B 236 -12.45 -18.61 26.09
C HIS B 236 -13.16 -18.46 24.75
N ILE B 237 -13.29 -17.21 24.29
CA ILE B 237 -14.00 -16.90 23.06
C ILE B 237 -13.02 -16.28 22.08
N ALA B 238 -13.01 -16.81 20.86
CA ALA B 238 -12.21 -16.26 19.76
C ALA B 238 -13.17 -15.57 18.80
N ALA B 239 -13.34 -14.27 18.99
CA ALA B 239 -14.26 -13.46 18.18
C ALA B 239 -13.54 -13.05 16.90
N MET B 240 -13.74 -13.81 15.83
CA MET B 240 -13.05 -13.60 14.58
C MET B 240 -13.93 -12.99 13.49
N GLY B 241 -15.23 -12.82 13.74
CA GLY B 241 -16.13 -12.36 12.71
C GLY B 241 -16.10 -10.87 12.45
N THR B 242 -16.17 -10.08 13.52
CA THR B 242 -16.27 -8.63 13.39
C THR B 242 -14.92 -8.05 12.96
N ASP B 243 -14.90 -7.44 11.77
CA ASP B 243 -13.69 -6.79 11.29
C ASP B 243 -13.98 -5.47 10.58
N THR B 244 -15.23 -5.00 10.59
CA THR B 244 -15.59 -3.72 9.99
C THR B 244 -16.48 -2.95 10.96
N LYS B 245 -16.56 -1.64 10.76
CA LYS B 245 -17.40 -0.78 11.58
C LYS B 245 -18.86 -1.11 11.32
N GLY B 246 -19.54 -1.67 12.32
CA GLY B 246 -20.93 -2.02 12.18
C GLY B 246 -21.25 -3.46 12.55
N LYS B 247 -20.32 -4.37 12.25
CA LYS B 247 -20.53 -5.77 12.56
C LYS B 247 -20.51 -5.99 14.07
N GLN B 248 -21.09 -7.12 14.49
CA GLN B 248 -21.22 -7.44 15.91
C GLN B 248 -21.64 -8.90 16.04
N GLU B 249 -21.05 -9.59 17.01
CA GLU B 249 -21.36 -11.00 17.23
C GLU B 249 -21.73 -11.28 18.68
N LEU B 250 -21.20 -10.48 19.61
CA LEU B 250 -21.31 -10.76 21.03
C LEU B 250 -22.13 -9.68 21.72
N ASP B 251 -22.80 -10.08 22.79
CA ASP B 251 -23.53 -9.14 23.64
C ASP B 251 -22.53 -8.22 24.34
N PRO B 252 -22.67 -6.89 24.21
CA PRO B 252 -21.76 -5.99 24.92
C PRO B 252 -21.67 -6.24 26.41
N ALA B 253 -22.73 -6.76 27.03
CA ALA B 253 -22.65 -7.15 28.44
C ALA B 253 -21.71 -8.34 28.63
N LEU B 254 -21.63 -9.24 27.64
CA LEU B 254 -20.72 -10.37 27.74
C LEU B 254 -19.27 -9.93 27.56
N VAL B 255 -19.04 -8.97 26.65
CA VAL B 255 -17.69 -8.44 26.43
C VAL B 255 -17.19 -7.73 27.68
N ALA B 256 -18.09 -7.12 28.44
CA ALA B 256 -17.71 -6.28 29.57
C ALA B 256 -17.45 -7.06 30.86
N ARG B 257 -17.59 -8.38 30.83
CA ARG B 257 -17.25 -9.22 31.99
C ARG B 257 -16.03 -10.09 31.73
N ALA B 258 -15.38 -9.93 30.58
CA ALA B 258 -14.29 -10.81 30.19
C ALA B 258 -12.98 -10.03 30.08
N ARG B 259 -11.87 -10.72 30.33
CA ARG B 259 -10.55 -10.18 30.08
C ARG B 259 -10.26 -10.27 28.58
N ILE B 260 -9.92 -9.14 27.97
CA ILE B 260 -9.92 -8.99 26.53
C ILE B 260 -8.50 -8.89 26.01
N PHE B 261 -8.20 -9.64 24.95
CA PHE B 261 -6.93 -9.57 24.24
C PHE B 261 -7.21 -9.41 22.77
N THR B 262 -6.29 -8.76 22.06
CA THR B 262 -6.47 -8.47 20.65
C THR B 262 -5.13 -8.48 19.93
N ASP B 263 -5.16 -8.25 18.63
CA ASP B 263 -3.98 -8.14 17.79
C ASP B 263 -3.54 -6.70 17.59
N GLU B 264 -4.48 -5.78 17.39
CA GLU B 264 -4.19 -4.35 17.25
C GLU B 264 -5.25 -3.60 18.03
N VAL B 265 -4.85 -2.95 19.13
CA VAL B 265 -5.81 -2.32 20.02
C VAL B 265 -6.57 -1.20 19.29
N ALA B 266 -5.89 -0.47 18.41
CA ALA B 266 -6.55 0.60 17.68
C ALA B 266 -7.66 0.06 16.79
N GLN B 267 -7.45 -1.11 16.20
CA GLN B 267 -8.49 -1.71 15.36
C GLN B 267 -9.59 -2.37 16.17
N SER B 268 -9.26 -2.88 17.36
CA SER B 268 -10.26 -3.56 18.18
C SER B 268 -11.32 -2.60 18.69
N VAL B 269 -10.92 -1.37 19.04
CA VAL B 269 -11.87 -0.40 19.58
C VAL B 269 -12.64 0.34 18.51
N SER B 270 -12.24 0.22 17.25
CA SER B 270 -12.88 0.94 16.15
C SER B 270 -13.72 0.03 15.27
N ILE B 271 -13.11 -1.01 14.68
CA ILE B 271 -13.80 -1.93 13.79
C ILE B 271 -13.85 -3.35 14.34
N GLY B 272 -13.35 -3.57 15.56
CA GLY B 272 -13.36 -4.88 16.16
C GLY B 272 -14.63 -5.13 16.96
N GLU B 273 -14.63 -6.27 17.66
CA GLU B 273 -15.79 -6.62 18.47
C GLU B 273 -15.95 -5.68 19.66
N CYS B 274 -14.85 -5.09 20.13
CA CYS B 274 -14.91 -4.17 21.27
C CYS B 274 -15.42 -2.78 20.90
N GLN B 275 -15.74 -2.54 19.63
CA GLN B 275 -16.16 -1.20 19.20
C GLN B 275 -17.45 -0.76 19.91
N HIS B 276 -18.34 -1.70 20.22
CA HIS B 276 -19.63 -1.39 20.81
C HIS B 276 -19.56 -1.23 22.32
N ALA B 277 -18.59 -1.87 22.99
CA ALA B 277 -18.47 -1.72 24.42
C ALA B 277 -17.67 -0.48 24.81
N ILE B 278 -16.67 -0.11 24.00
CA ILE B 278 -15.90 1.10 24.31
C ILE B 278 -16.72 2.35 24.01
N ALA B 279 -17.64 2.28 23.05
CA ALA B 279 -18.47 3.44 22.74
C ALA B 279 -19.49 3.68 23.84
N ALA B 280 -20.08 2.63 24.38
CA ALA B 280 -21.03 2.74 25.48
C ALA B 280 -20.35 2.89 26.83
N GLY B 281 -19.03 2.92 26.87
CA GLY B 281 -18.33 3.05 28.13
C GLY B 281 -18.42 1.84 29.04
N LEU B 282 -18.60 0.64 28.45
CA LEU B 282 -18.71 -0.56 29.28
C LEU B 282 -17.35 -1.14 29.62
N ILE B 283 -16.35 -0.97 28.76
CA ILE B 283 -14.99 -1.40 29.02
C ILE B 283 -14.05 -0.23 28.79
N ARG B 284 -12.84 -0.35 29.34
CA ARG B 284 -11.80 0.64 29.16
C ARG B 284 -10.95 0.30 27.95
N GLU B 285 -10.34 1.34 27.37
CA GLU B 285 -9.42 1.11 26.26
C GLU B 285 -8.06 0.63 26.75
N ASP B 286 -7.62 1.12 27.91
CA ASP B 286 -6.34 0.69 28.47
C ASP B 286 -6.40 -0.71 29.08
N GLN B 287 -7.59 -1.31 29.15
CA GLN B 287 -7.73 -2.68 29.63
C GLN B 287 -7.83 -3.69 28.50
N VAL B 288 -7.74 -3.26 27.25
CA VAL B 288 -7.74 -4.15 26.10
C VAL B 288 -6.29 -4.61 25.91
N GLY B 289 -6.01 -5.84 26.34
CA GLY B 289 -4.66 -6.38 26.25
C GLY B 289 -4.30 -6.83 24.85
N GLU B 290 -3.04 -7.23 24.71
CA GLU B 290 -2.50 -7.73 23.45
C GLU B 290 -2.20 -9.22 23.60
N LEU B 291 -2.71 -10.03 22.66
CA LEU B 291 -2.42 -11.46 22.70
C LEU B 291 -0.93 -11.74 22.59
N GLY B 292 -0.23 -10.95 21.78
CA GLY B 292 1.21 -11.15 21.63
C GLY B 292 1.98 -10.91 22.91
N ALA B 293 1.43 -10.08 23.81
CA ALA B 293 2.05 -9.86 25.11
C ALA B 293 2.00 -11.10 25.98
N VAL B 294 1.02 -11.97 25.75
CA VAL B 294 0.96 -13.23 26.48
C VAL B 294 1.96 -14.23 25.89
N VAL B 295 2.11 -14.23 24.56
CA VAL B 295 3.08 -15.12 23.92
C VAL B 295 4.49 -14.75 24.34
N ALA B 296 4.79 -13.46 24.44
CA ALA B 296 6.13 -13.01 24.81
C ALA B 296 6.40 -13.14 26.30
N GLY B 297 5.41 -13.52 27.09
CA GLY B 297 5.59 -13.69 28.52
C GLY B 297 5.47 -12.42 29.35
N ASP B 298 5.11 -11.29 28.74
CA ASP B 298 4.96 -10.03 29.46
C ASP B 298 3.57 -9.86 30.06
N ASP B 299 2.62 -10.72 29.70
CA ASP B 299 1.25 -10.62 30.17
C ASP B 299 0.86 -11.94 30.82
N PRO B 300 0.25 -11.92 32.00
CA PRO B 300 -0.12 -13.19 32.66
C PRO B 300 -1.10 -14.03 31.85
N GLY B 301 -1.91 -13.41 31.01
CA GLY B 301 -2.85 -14.16 30.17
C GLY B 301 -4.19 -14.29 30.84
N ARG B 302 -4.71 -15.52 30.89
CA ARG B 302 -6.02 -15.76 31.46
C ARG B 302 -6.07 -15.40 32.94
N GLY B 303 -5.08 -15.88 33.70
CA GLY B 303 -5.02 -15.55 35.11
C GLY B 303 -6.19 -16.16 35.87
N ASP B 304 -6.90 -15.31 36.62
CA ASP B 304 -8.05 -15.73 37.41
C ASP B 304 -9.37 -15.31 36.78
N ALA B 305 -9.35 -14.78 35.56
CA ALA B 305 -10.59 -14.41 34.89
C ALA B 305 -11.37 -15.66 34.49
N GLU B 306 -12.69 -15.57 34.57
CA GLU B 306 -13.52 -16.71 34.18
C GLU B 306 -13.70 -16.77 32.67
N VAL B 307 -13.97 -15.64 32.03
CA VAL B 307 -14.20 -15.58 30.59
C VAL B 307 -13.11 -14.71 29.97
N THR B 308 -12.52 -15.19 28.88
CA THR B 308 -11.58 -14.43 28.07
C THR B 308 -12.10 -14.31 26.65
N ILE B 309 -11.73 -13.21 26.00
CA ILE B 309 -12.14 -12.94 24.63
C ILE B 309 -10.92 -12.46 23.84
N PHE B 310 -10.66 -13.10 22.71
CA PHE B 310 -9.66 -12.64 21.75
C PHE B 310 -10.38 -11.97 20.59
N ASP B 311 -10.25 -10.65 20.50
CA ASP B 311 -10.89 -9.87 19.43
C ASP B 311 -9.95 -9.86 18.23
N GLY B 312 -10.11 -10.85 17.35
CA GLY B 312 -9.29 -10.95 16.16
C GLY B 312 -9.82 -10.10 15.02
N THR B 313 -9.06 -9.07 14.65
CA THR B 313 -9.48 -8.16 13.59
C THR B 313 -8.73 -8.34 12.28
N GLY B 314 -7.54 -8.93 12.31
CA GLY B 314 -6.77 -9.12 11.10
C GLY B 314 -5.85 -7.97 10.79
N VAL B 315 -4.54 -8.24 10.75
CA VAL B 315 -3.54 -7.22 10.45
C VAL B 315 -2.65 -7.73 9.34
N GLY B 316 -2.04 -6.79 8.62
CA GLY B 316 -1.21 -7.14 7.48
C GLY B 316 0.00 -7.98 7.85
N LEU B 317 0.54 -7.79 9.05
CA LEU B 317 1.70 -8.57 9.48
C LEU B 317 1.39 -10.06 9.52
N GLN B 318 0.12 -10.42 9.77
CA GLN B 318 -0.27 -11.83 9.70
C GLN B 318 -0.19 -12.34 8.28
N ASP B 319 -0.57 -11.51 7.30
CA ASP B 319 -0.49 -11.91 5.90
C ASP B 319 0.94 -11.98 5.41
N LEU B 320 1.81 -11.10 5.91
CA LEU B 320 3.20 -11.11 5.49
C LEU B 320 3.97 -12.28 6.10
N ALA B 321 3.60 -12.70 7.32
CA ALA B 321 4.30 -13.79 7.97
C ALA B 321 4.05 -15.12 7.26
N VAL B 322 2.79 -15.40 6.93
CA VAL B 322 2.47 -16.68 6.28
C VAL B 322 2.93 -16.67 4.83
N ALA B 323 2.98 -15.49 4.21
CA ALA B 323 3.49 -15.40 2.85
C ALA B 323 4.99 -15.65 2.81
N GLN B 324 5.73 -15.10 3.78
CA GLN B 324 7.15 -15.39 3.89
C GLN B 324 7.40 -16.86 4.21
N ALA B 325 6.41 -17.56 4.77
CA ALA B 325 6.59 -18.97 5.06
C ALA B 325 6.34 -19.83 3.83
N VAL B 326 5.36 -19.46 2.99
CA VAL B 326 5.05 -20.28 1.83
C VAL B 326 6.11 -20.15 0.75
N VAL B 327 6.79 -18.99 0.69
CA VAL B 327 7.87 -18.85 -0.30
C VAL B 327 9.06 -19.71 0.09
N GLU B 328 9.31 -19.89 1.39
CA GLU B 328 10.37 -20.79 1.82
C GLU B 328 9.99 -22.25 1.56
N LEU B 329 8.72 -22.59 1.81
CA LEU B 329 8.25 -23.94 1.54
C LEU B 329 8.17 -24.21 0.04
N ALA B 330 7.88 -23.18 -0.76
CA ALA B 330 7.74 -23.39 -2.19
C ALA B 330 9.08 -23.72 -2.85
N LYS B 331 10.11 -22.90 -2.58
CA LYS B 331 11.39 -23.13 -3.24
C LYS B 331 12.09 -24.37 -2.72
N HIS B 332 11.79 -24.79 -1.49
CA HIS B 332 12.28 -26.08 -1.03
C HIS B 332 11.54 -27.23 -1.71
N LYS B 333 10.28 -26.99 -2.10
CA LYS B 333 9.51 -27.99 -2.82
C LYS B 333 9.82 -27.99 -4.31
N GLY B 334 10.21 -26.85 -4.85
CA GLY B 334 10.44 -26.71 -6.27
C GLY B 334 9.31 -26.10 -7.06
N VAL B 335 8.39 -25.38 -6.40
CA VAL B 335 7.24 -24.79 -7.05
C VAL B 335 7.25 -23.27 -7.03
N ALA B 336 8.32 -22.66 -6.50
CA ALA B 336 8.45 -21.21 -6.52
C ALA B 336 8.99 -20.78 -7.88
N GLN B 337 8.18 -20.03 -8.62
CA GLN B 337 8.53 -19.63 -9.98
C GLN B 337 9.55 -18.49 -9.94
N GLU B 338 10.66 -18.67 -10.62
CA GLU B 338 11.72 -17.65 -10.67
C GLU B 338 11.41 -16.69 -11.81
N VAL B 339 11.22 -15.41 -11.53
CA VAL B 339 10.90 -14.46 -12.63
C VAL B 339 11.89 -13.31 -12.65
N GLU B 340 12.40 -12.99 -13.83
CA GLU B 340 13.33 -11.87 -13.91
C GLU B 340 12.53 -10.59 -13.90
N ILE B 341 12.96 -9.63 -13.09
CA ILE B 341 12.33 -8.32 -13.01
C ILE B 341 13.37 -7.27 -12.63
PA NAD C . 20.24 12.94 -6.96
O1A NAD C . 20.69 12.85 -5.53
O2A NAD C . 20.70 12.21 -8.18
O5B NAD C . 20.82 14.54 -7.30
C5B NAD C . 20.53 15.31 -6.19
C4B NAD C . 20.95 16.73 -6.47
O4B NAD C . 20.49 17.54 -5.40
C3B NAD C . 22.47 16.73 -6.43
O3B NAD C . 22.87 16.49 -7.74
C2B NAD C . 22.78 18.15 -5.96
O2B NAD C . 22.82 19.05 -7.02
C1B NAD C . 21.50 18.50 -5.10
N9A NAD C . 21.77 18.37 -3.67
C8A NAD C . 22.17 17.25 -2.92
N7A NAD C . 22.32 17.52 -1.62
C5A NAD C . 21.99 18.88 -1.50
C6A NAD C . 21.94 19.77 -0.40
N6A NAD C . 22.26 19.32 0.85
N1A NAD C . 21.58 21.09 -0.57
C2A NAD C . 21.27 21.47 -1.86
N3A NAD C . 21.27 20.75 -3.00
C4A NAD C . 21.64 19.44 -2.78
O3 NAD C . 18.65 13.01 -6.68
PN NAD C . 17.74 12.68 -7.93
O1N NAD C . 18.02 13.28 -9.28
O2N NAD C . 17.30 11.30 -7.56
O5D NAD C . 16.17 13.47 -7.61
C5D NAD C . 16.45 14.63 -6.96
C4D NAD C . 15.19 15.14 -6.31
O4D NAD C . 14.08 14.79 -7.17
C3D NAD C . 15.00 14.34 -4.99
O3D NAD C . 14.75 15.29 -4.02
C2D NAD C . 13.75 13.47 -5.28
O2D NAD C . 12.87 13.37 -4.21
C1D NAD C . 13.06 14.38 -6.32
N1N NAD C . 12.09 13.56 -7.14
C2N NAD C . 10.89 14.15 -7.42
C3N NAD C . 9.95 13.44 -8.17
C7N NAD C . 8.66 14.17 -8.43
O7N NAD C . 7.75 13.65 -9.07
N7N NAD C . 8.55 15.43 -7.91
C4N NAD C . 10.24 12.16 -8.63
C5N NAD C . 11.47 11.59 -8.33
C6N NAD C . 12.41 12.30 -7.58
TB TB D . 21.32 5.46 10.23
TB TB E . 35.34 14.20 -8.36
PA NAD F . -19.44 -16.47 5.06
O1A NAD F . -20.49 -15.48 4.61
O2A NAD F . -18.95 -17.73 4.41
O5B NAD F . -20.27 -17.11 6.45
C5B NAD F . -21.25 -16.20 6.80
C4B NAD F . -21.65 -16.45 8.23
O4B NAD F . -22.35 -15.31 8.70
C3B NAD F . -22.62 -17.64 8.19
O3B NAD F . -22.37 -18.36 9.35
C2B NAD F . -23.98 -16.95 8.20
O2B NAD F . -24.95 -17.68 8.88
C1B NAD F . -23.68 -15.67 9.04
N9A NAD F . -24.52 -14.54 8.64
C8A NAD F . -24.80 -14.03 7.36
N7A NAD F . -25.62 -12.98 7.40
C5A NAD F . -25.91 -12.80 8.76
C6A NAD F . -26.72 -11.86 9.45
N6A NAD F . -27.40 -10.90 8.75
N1A NAD F . -26.82 -11.91 10.82
C2A NAD F . -26.12 -12.90 11.45
N3A NAD F . -25.31 -13.85 10.93
C4A NAD F . -25.24 -13.77 9.56
O3 NAD F . -18.34 -15.41 5.57
PN NAD F . -16.92 -16.04 5.92
O1N NAD F . -16.84 -17.32 6.72
O2N NAD F . -16.15 -15.59 4.73
O5D NAD F . -16.17 -14.93 7.10
C5D NAD F . -17.13 -14.62 8.01
C4D NAD F . -16.64 -13.43 8.81
O4D NAD F . -15.22 -13.57 9.03
C3D NAD F . -16.83 -12.16 7.93
O3D NAD F . -17.48 -11.23 8.74
C2D NAD F . -15.39 -11.73 7.62
O2D NAD F . -15.18 -10.36 7.66
C1D NAD F . -14.69 -12.30 8.88
N1N NAD F . -13.21 -12.45 8.61
C2N NAD F . -12.37 -12.01 9.59
C3N NAD F . -11.00 -12.11 9.41
C7N NAD F . -10.15 -11.60 10.53
O7N NAD F . -8.93 -11.53 10.44
N7N NAD F . -10.80 -11.22 11.67
C4N NAD F . -10.50 -12.68 8.23
C5N NAD F . -11.38 -13.13 7.26
C6N NAD F . -12.75 -13.02 7.45
C21 7MT G . -25.04 0.85 -5.41
C10 7MT G . -24.60 0.22 -11.60
C11 7MT G . -24.92 -1.75 -6.24
C01 7MT G . -26.63 -1.79 -9.15
C03 7MT G . -26.38 -3.19 -8.55
C04 7MT G . -25.99 -2.44 -11.36
C05 7MT G . -24.71 -3.15 -11.79
C07 7MT G . -24.35 -4.73 -10.06
C08 7MT G . -24.48 -4.66 -8.55
C13 7MT G . -24.76 0.94 -12.78
C14 7MT G . -23.67 1.23 -13.53
C15 7MT G . -22.43 0.82 -13.12
C16 7MT G . -22.29 0.11 -11.94
C18 7MT G . -20.91 -0.36 -11.45
C19 7MT G . -25.55 -1.43 -5.04
C20 7MT G . -25.60 -0.13 -4.64
C22 7MT G . -24.41 0.51 -6.61
C24 7MT G . -23.79 1.60 -7.48
C29 7MT G . -24.86 -3.23 -6.68
C30 7MT G . -25.83 -0.13 -10.73
N02 7MT G . -25.70 -1.54 -10.27
N06 7MT G . -23.91 -3.46 -10.60
N09 7MT G . -24.96 -3.33 -8.15
N17 7MT G . -23.38 -0.18 -11.20
N23 7MT G . -24.36 -0.79 -7.01
O25 7MT G . -23.83 2.81 -7.12
O26 7MT G . -23.22 1.30 -8.57
O27 7MT G . -20.82 -1.01 -10.37
O28 7MT G . -19.88 -0.10 -12.13
TB 7MT G . -23.31 -1.47 -9.04
#